data_3D2N
# 
_entry.id   3D2N 
# 
_audit_conform.dict_name       mmcif_pdbx.dic 
_audit_conform.dict_version    5.387 
_audit_conform.dict_location   http://mmcif.pdb.org/dictionaries/ascii/mmcif_pdbx.dic 
# 
loop_
_database_2.database_id 
_database_2.database_code 
_database_2.pdbx_database_accession 
_database_2.pdbx_DOI 
PDB   3D2N         pdb_00003d2n 10.2210/pdb3d2n/pdb 
RCSB  RCSB047514   ?            ?                   
WWPDB D_1000047514 ?            ?                   
# 
loop_
_pdbx_audit_revision_history.ordinal 
_pdbx_audit_revision_history.data_content_type 
_pdbx_audit_revision_history.major_revision 
_pdbx_audit_revision_history.minor_revision 
_pdbx_audit_revision_history.revision_date 
1 'Structure model' 1 0 2008-12-02 
2 'Structure model' 1 1 2011-07-13 
3 'Structure model' 1 2 2024-02-21 
# 
_pdbx_audit_revision_details.ordinal             1 
_pdbx_audit_revision_details.revision_ordinal    1 
_pdbx_audit_revision_details.data_content_type   'Structure model' 
_pdbx_audit_revision_details.provider            repository 
_pdbx_audit_revision_details.type                'Initial release' 
_pdbx_audit_revision_details.description         ? 
_pdbx_audit_revision_details.details             ? 
# 
loop_
_pdbx_audit_revision_group.ordinal 
_pdbx_audit_revision_group.revision_ordinal 
_pdbx_audit_revision_group.data_content_type 
_pdbx_audit_revision_group.group 
1 2 'Structure model' 'Version format compliance' 
2 3 'Structure model' 'Data collection'           
3 3 'Structure model' 'Database references'       
4 3 'Structure model' 'Derived calculations'      
# 
loop_
_pdbx_audit_revision_category.ordinal 
_pdbx_audit_revision_category.revision_ordinal 
_pdbx_audit_revision_category.data_content_type 
_pdbx_audit_revision_category.category 
1 3 'Structure model' chem_comp_atom     
2 3 'Structure model' chem_comp_bond     
3 3 'Structure model' database_2         
4 3 'Structure model' struct_ref_seq_dif 
5 3 'Structure model' struct_site        
# 
loop_
_pdbx_audit_revision_item.ordinal 
_pdbx_audit_revision_item.revision_ordinal 
_pdbx_audit_revision_item.data_content_type 
_pdbx_audit_revision_item.item 
1 3 'Structure model' '_database_2.pdbx_DOI'                
2 3 'Structure model' '_database_2.pdbx_database_accession' 
3 3 'Structure model' '_struct_ref_seq_dif.details'         
4 3 'Structure model' '_struct_site.pdbx_auth_asym_id'      
5 3 'Structure model' '_struct_site.pdbx_auth_comp_id'      
6 3 'Structure model' '_struct_site.pdbx_auth_seq_id'       
# 
_pdbx_database_status.status_code                     REL 
_pdbx_database_status.entry_id                        3D2N 
_pdbx_database_status.recvd_initial_deposition_date   2008-05-08 
_pdbx_database_status.deposit_site                    RCSB 
_pdbx_database_status.process_site                    RCSB 
_pdbx_database_status.status_code_sf                  REL 
_pdbx_database_status.status_code_mr                  ? 
_pdbx_database_status.SG_entry                        ? 
_pdbx_database_status.pdb_format_compatible           Y 
_pdbx_database_status.status_code_cs                  ? 
_pdbx_database_status.status_code_nmr_data            ? 
_pdbx_database_status.methods_development_category    ? 
# 
loop_
_pdbx_database_related.db_name 
_pdbx_database_related.db_id 
_pdbx_database_related.details 
_pdbx_database_related.content_type 
PDB 3D2Q . unspecified 
PDB 3D2S . unspecified 
# 
loop_
_audit_author.name 
_audit_author.pdbx_ordinal 
'Teplova, M.' 1 
'Patel, D.J.' 2 
# 
_citation.id                        primary 
_citation.title                     
'Structural insights into RNA recognition by the alternative-splicing regulator muscleblind-like MBNL1.' 
_citation.journal_abbrev            Nat.Struct.Mol.Biol. 
_citation.journal_volume            15 
_citation.page_first                1343 
_citation.page_last                 1351 
_citation.year                      2008 
_citation.journal_id_ASTM           ? 
_citation.country                   US 
_citation.journal_id_ISSN           1545-9993 
_citation.journal_id_CSD            ? 
_citation.book_publisher            ? 
_citation.pdbx_database_id_PubMed   19043415 
_citation.pdbx_database_id_DOI      10.1038/nsmb.1519 
# 
loop_
_citation_author.citation_id 
_citation_author.name 
_citation_author.ordinal 
_citation_author.identifier_ORCID 
primary 'Teplova, M.' 1 ? 
primary 'Patel, D.J.' 2 ? 
# 
loop_
_entity.id 
_entity.type 
_entity.src_method 
_entity.pdbx_description 
_entity.formula_weight 
_entity.pdbx_number_of_molecules 
_entity.pdbx_ec 
_entity.pdbx_mutation 
_entity.pdbx_fragment 
_entity.details 
1 polymer     man 'Muscleblind-like protein 1' 9621.984 1 ? ? 'tandem zinc finger 1 and 2 domains (UNP residues 9-90)' ? 
2 non-polymer syn 'ZINC ION'                   65.409   2 ? ? ?                                                        ? 
3 water       nat water                        18.015   6 ? ? ?                                                        ? 
# 
_entity_name_com.entity_id   1 
_entity_name_com.name        'Triplet-expansion RNA-binding protein' 
# 
_entity_poly.entity_id                      1 
_entity_poly.type                           'polypeptide(L)' 
_entity_poly.nstd_linkage                   no 
_entity_poly.nstd_monomer                   no 
_entity_poly.pdbx_seq_one_letter_code       
;SRDTKWLTLEVCREFQRGTCSRPDTECKFAHPSKSCQVENGRVIACFDSLKGRCSRENCKYLHPPPHLKTQLEINGRNNL
IQQ
;
_entity_poly.pdbx_seq_one_letter_code_can   
;SRDTKWLTLEVCREFQRGTCSRPDTECKFAHPSKSCQVENGRVIACFDSLKGRCSRENCKYLHPPPHLKTQLEINGRNNL
IQQ
;
_entity_poly.pdbx_strand_id                 A 
_entity_poly.pdbx_target_identifier         ? 
# 
loop_
_pdbx_entity_nonpoly.entity_id 
_pdbx_entity_nonpoly.name 
_pdbx_entity_nonpoly.comp_id 
2 'ZINC ION' ZN  
3 water      HOH 
# 
loop_
_entity_poly_seq.entity_id 
_entity_poly_seq.num 
_entity_poly_seq.mon_id 
_entity_poly_seq.hetero 
1 1  SER n 
1 2  ARG n 
1 3  ASP n 
1 4  THR n 
1 5  LYS n 
1 6  TRP n 
1 7  LEU n 
1 8  THR n 
1 9  LEU n 
1 10 GLU n 
1 11 VAL n 
1 12 CYS n 
1 13 ARG n 
1 14 GLU n 
1 15 PHE n 
1 16 GLN n 
1 17 ARG n 
1 18 GLY n 
1 19 THR n 
1 20 CYS n 
1 21 SER n 
1 22 ARG n 
1 23 PRO n 
1 24 ASP n 
1 25 THR n 
1 26 GLU n 
1 27 CYS n 
1 28 LYS n 
1 29 PHE n 
1 30 ALA n 
1 31 HIS n 
1 32 PRO n 
1 33 SER n 
1 34 LYS n 
1 35 SER n 
1 36 CYS n 
1 37 GLN n 
1 38 VAL n 
1 39 GLU n 
1 40 ASN n 
1 41 GLY n 
1 42 ARG n 
1 43 VAL n 
1 44 ILE n 
1 45 ALA n 
1 46 CYS n 
1 47 PHE n 
1 48 ASP n 
1 49 SER n 
1 50 LEU n 
1 51 LYS n 
1 52 GLY n 
1 53 ARG n 
1 54 CYS n 
1 55 SER n 
1 56 ARG n 
1 57 GLU n 
1 58 ASN n 
1 59 CYS n 
1 60 LYS n 
1 61 TYR n 
1 62 LEU n 
1 63 HIS n 
1 64 PRO n 
1 65 PRO n 
1 66 PRO n 
1 67 HIS n 
1 68 LEU n 
1 69 LYS n 
1 70 THR n 
1 71 GLN n 
1 72 LEU n 
1 73 GLU n 
1 74 ILE n 
1 75 ASN n 
1 76 GLY n 
1 77 ARG n 
1 78 ASN n 
1 79 ASN n 
1 80 LEU n 
1 81 ILE n 
1 82 GLN n 
1 83 GLN n 
# 
_entity_src_gen.entity_id                          1 
_entity_src_gen.pdbx_src_id                        1 
_entity_src_gen.pdbx_alt_source_flag               sample 
_entity_src_gen.pdbx_seq_type                      ? 
_entity_src_gen.pdbx_beg_seq_num                   ? 
_entity_src_gen.pdbx_end_seq_num                   ? 
_entity_src_gen.gene_src_common_name               Human 
_entity_src_gen.gene_src_genus                     ? 
_entity_src_gen.pdbx_gene_src_gene                 'MBNL1, EXP, KIAA0428, MBNL' 
_entity_src_gen.gene_src_species                   ? 
_entity_src_gen.gene_src_strain                    ? 
_entity_src_gen.gene_src_tissue                    ? 
_entity_src_gen.gene_src_tissue_fraction           ? 
_entity_src_gen.gene_src_details                   ? 
_entity_src_gen.pdbx_gene_src_fragment             ? 
_entity_src_gen.pdbx_gene_src_scientific_name      'Homo sapiens' 
_entity_src_gen.pdbx_gene_src_ncbi_taxonomy_id     9606 
_entity_src_gen.pdbx_gene_src_variant              ? 
_entity_src_gen.pdbx_gene_src_cell_line            ? 
_entity_src_gen.pdbx_gene_src_atcc                 ? 
_entity_src_gen.pdbx_gene_src_organ                ? 
_entity_src_gen.pdbx_gene_src_organelle            ? 
_entity_src_gen.pdbx_gene_src_cell                 ? 
_entity_src_gen.pdbx_gene_src_cellular_location    ? 
_entity_src_gen.host_org_common_name               ? 
_entity_src_gen.pdbx_host_org_scientific_name      'Escherichia coli' 
_entity_src_gen.pdbx_host_org_ncbi_taxonomy_id     562 
_entity_src_gen.host_org_genus                     ? 
_entity_src_gen.pdbx_host_org_gene                 ? 
_entity_src_gen.pdbx_host_org_organ                ? 
_entity_src_gen.host_org_species                   ? 
_entity_src_gen.pdbx_host_org_tissue               ? 
_entity_src_gen.pdbx_host_org_tissue_fraction      ? 
_entity_src_gen.pdbx_host_org_strain               'BL21 (DE3)' 
_entity_src_gen.pdbx_host_org_variant              ? 
_entity_src_gen.pdbx_host_org_cell_line            ? 
_entity_src_gen.pdbx_host_org_atcc                 ? 
_entity_src_gen.pdbx_host_org_culture_collection   ? 
_entity_src_gen.pdbx_host_org_cell                 ? 
_entity_src_gen.pdbx_host_org_organelle            ? 
_entity_src_gen.pdbx_host_org_cellular_location    ? 
_entity_src_gen.pdbx_host_org_vector_type          plasmid 
_entity_src_gen.pdbx_host_org_vector               ? 
_entity_src_gen.host_org_details                   ? 
_entity_src_gen.expression_system_id               ? 
_entity_src_gen.plasmid_name                       Pet28b 
_entity_src_gen.plasmid_details                    ? 
_entity_src_gen.pdbx_description                   ? 
# 
loop_
_chem_comp.id 
_chem_comp.type 
_chem_comp.mon_nstd_flag 
_chem_comp.name 
_chem_comp.pdbx_synonyms 
_chem_comp.formula 
_chem_comp.formula_weight 
ALA 'L-peptide linking' y ALANINE         ? 'C3 H7 N O2'     89.093  
ARG 'L-peptide linking' y ARGININE        ? 'C6 H15 N4 O2 1' 175.209 
ASN 'L-peptide linking' y ASPARAGINE      ? 'C4 H8 N2 O3'    132.118 
ASP 'L-peptide linking' y 'ASPARTIC ACID' ? 'C4 H7 N O4'     133.103 
CYS 'L-peptide linking' y CYSTEINE        ? 'C3 H7 N O2 S'   121.158 
GLN 'L-peptide linking' y GLUTAMINE       ? 'C5 H10 N2 O3'   146.144 
GLU 'L-peptide linking' y 'GLUTAMIC ACID' ? 'C5 H9 N O4'     147.129 
GLY 'peptide linking'   y GLYCINE         ? 'C2 H5 N O2'     75.067  
HIS 'L-peptide linking' y HISTIDINE       ? 'C6 H10 N3 O2 1' 156.162 
HOH non-polymer         . WATER           ? 'H2 O'           18.015  
ILE 'L-peptide linking' y ISOLEUCINE      ? 'C6 H13 N O2'    131.173 
LEU 'L-peptide linking' y LEUCINE         ? 'C6 H13 N O2'    131.173 
LYS 'L-peptide linking' y LYSINE          ? 'C6 H15 N2 O2 1' 147.195 
PHE 'L-peptide linking' y PHENYLALANINE   ? 'C9 H11 N O2'    165.189 
PRO 'L-peptide linking' y PROLINE         ? 'C5 H9 N O2'     115.130 
SER 'L-peptide linking' y SERINE          ? 'C3 H7 N O3'     105.093 
THR 'L-peptide linking' y THREONINE       ? 'C4 H9 N O3'     119.119 
TRP 'L-peptide linking' y TRYPTOPHAN      ? 'C11 H12 N2 O2'  204.225 
TYR 'L-peptide linking' y TYROSINE        ? 'C9 H11 N O3'    181.189 
VAL 'L-peptide linking' y VALINE          ? 'C5 H11 N O2'    117.146 
ZN  non-polymer         . 'ZINC ION'      ? 'Zn 2'           65.409  
# 
loop_
_pdbx_poly_seq_scheme.asym_id 
_pdbx_poly_seq_scheme.entity_id 
_pdbx_poly_seq_scheme.seq_id 
_pdbx_poly_seq_scheme.mon_id 
_pdbx_poly_seq_scheme.ndb_seq_num 
_pdbx_poly_seq_scheme.pdb_seq_num 
_pdbx_poly_seq_scheme.auth_seq_num 
_pdbx_poly_seq_scheme.pdb_mon_id 
_pdbx_poly_seq_scheme.auth_mon_id 
_pdbx_poly_seq_scheme.pdb_strand_id 
_pdbx_poly_seq_scheme.pdb_ins_code 
_pdbx_poly_seq_scheme.hetero 
A 1 1  SER 1  8  ?  ?   ?   A . n 
A 1 2  ARG 2  9  ?  ?   ?   A . n 
A 1 3  ASP 3  10 ?  ?   ?   A . n 
A 1 4  THR 4  11 11 THR THR A . n 
A 1 5  LYS 5  12 12 LYS LYS A . n 
A 1 6  TRP 6  13 13 TRP TRP A . n 
A 1 7  LEU 7  14 14 LEU LEU A . n 
A 1 8  THR 8  15 15 THR THR A . n 
A 1 9  LEU 9  16 16 LEU LEU A . n 
A 1 10 GLU 10 17 17 GLU GLU A . n 
A 1 11 VAL 11 18 18 VAL VAL A . n 
A 1 12 CYS 12 19 19 CYS CYS A . n 
A 1 13 ARG 13 20 20 ARG ARG A . n 
A 1 14 GLU 14 21 21 GLU GLU A . n 
A 1 15 PHE 15 22 22 PHE PHE A . n 
A 1 16 GLN 16 23 23 GLN GLN A . n 
A 1 17 ARG 17 24 24 ARG ARG A . n 
A 1 18 GLY 18 25 25 GLY GLY A . n 
A 1 19 THR 19 26 26 THR THR A . n 
A 1 20 CYS 20 27 27 CYS CYS A . n 
A 1 21 SER 21 28 28 SER SER A . n 
A 1 22 ARG 22 29 29 ARG ARG A . n 
A 1 23 PRO 23 30 30 PRO PRO A . n 
A 1 24 ASP 24 31 31 ASP ASP A . n 
A 1 25 THR 25 32 32 THR THR A . n 
A 1 26 GLU 26 33 33 GLU GLU A . n 
A 1 27 CYS 27 34 34 CYS CYS A . n 
A 1 28 LYS 28 35 35 LYS LYS A . n 
A 1 29 PHE 29 36 36 PHE PHE A . n 
A 1 30 ALA 30 37 37 ALA ALA A . n 
A 1 31 HIS 31 38 38 HIS HIS A . n 
A 1 32 PRO 32 39 39 PRO PRO A . n 
A 1 33 SER 33 40 40 SER SER A . n 
A 1 34 LYS 34 41 41 LYS LYS A . n 
A 1 35 SER 35 42 42 SER SER A . n 
A 1 36 CYS 36 43 43 CYS CYS A . n 
A 1 37 GLN 37 44 44 GLN GLN A . n 
A 1 38 VAL 38 45 45 VAL VAL A . n 
A 1 39 GLU 39 46 46 GLU GLU A . n 
A 1 40 ASN 40 47 47 ASN ASN A . n 
A 1 41 GLY 41 48 48 GLY GLY A . n 
A 1 42 ARG 42 49 49 ARG ARG A . n 
A 1 43 VAL 43 50 50 VAL VAL A . n 
A 1 44 ILE 44 51 51 ILE ILE A . n 
A 1 45 ALA 45 52 52 ALA ALA A . n 
A 1 46 CYS 46 53 53 CYS CYS A . n 
A 1 47 PHE 47 54 54 PHE PHE A . n 
A 1 48 ASP 48 55 55 ASP ASP A . n 
A 1 49 SER 49 56 56 SER SER A . n 
A 1 50 LEU 50 57 57 LEU LEU A . n 
A 1 51 LYS 51 58 58 LYS LYS A . n 
A 1 52 GLY 52 59 59 GLY GLY A . n 
A 1 53 ARG 53 60 60 ARG ARG A . n 
A 1 54 CYS 54 61 61 CYS CYS A . n 
A 1 55 SER 55 62 62 SER SER A . n 
A 1 56 ARG 56 63 63 ARG ARG A . n 
A 1 57 GLU 57 64 64 GLU GLU A . n 
A 1 58 ASN 58 65 65 ASN ASN A . n 
A 1 59 CYS 59 66 66 CYS CYS A . n 
A 1 60 LYS 60 67 67 LYS LYS A . n 
A 1 61 TYR 61 68 68 TYR TYR A . n 
A 1 62 LEU 62 69 69 LEU LEU A . n 
A 1 63 HIS 63 70 70 HIS HIS A . n 
A 1 64 PRO 64 71 71 PRO PRO A . n 
A 1 65 PRO 65 72 72 PRO PRO A . n 
A 1 66 PRO 66 73 73 PRO PRO A . n 
A 1 67 HIS 67 74 74 HIS HIS A . n 
A 1 68 LEU 68 75 75 LEU LEU A . n 
A 1 69 LYS 69 76 76 LYS LYS A . n 
A 1 70 THR 70 77 77 THR THR A . n 
A 1 71 GLN 71 78 78 GLN GLN A . n 
A 1 72 LEU 72 79 79 LEU LEU A . n 
A 1 73 GLU 73 80 80 GLU GLU A . n 
A 1 74 ILE 74 81 81 ILE ILE A . n 
A 1 75 ASN 75 82 82 ASN ASN A . n 
A 1 76 GLY 76 83 83 GLY GLY A . n 
A 1 77 ARG 77 84 84 ARG ARG A . n 
A 1 78 ASN 78 85 85 ASN ASN A . n 
A 1 79 ASN 79 86 86 ASN ASN A . n 
A 1 80 LEU 80 87 ?  ?   ?   A . n 
A 1 81 ILE 81 88 ?  ?   ?   A . n 
A 1 82 GLN 82 89 ?  ?   ?   A . n 
A 1 83 GLN 83 90 ?  ?   ?   A . n 
# 
loop_
_pdbx_nonpoly_scheme.asym_id 
_pdbx_nonpoly_scheme.entity_id 
_pdbx_nonpoly_scheme.mon_id 
_pdbx_nonpoly_scheme.ndb_seq_num 
_pdbx_nonpoly_scheme.pdb_seq_num 
_pdbx_nonpoly_scheme.auth_seq_num 
_pdbx_nonpoly_scheme.pdb_mon_id 
_pdbx_nonpoly_scheme.auth_mon_id 
_pdbx_nonpoly_scheme.pdb_strand_id 
_pdbx_nonpoly_scheme.pdb_ins_code 
B 2 ZN  1 101 101 ZN  ZN  A . 
C 2 ZN  1 102 102 ZN  ZN  A . 
D 3 HOH 1 1   1   HOH HOH A . 
D 3 HOH 2 2   2   HOH HOH A . 
D 3 HOH 3 3   3   HOH HOH A . 
D 3 HOH 4 4   4   HOH HOH A . 
D 3 HOH 5 5   5   HOH HOH A . 
D 3 HOH 6 6   6   HOH HOH A . 
# 
loop_
_software.name 
_software.classification 
_software.version 
_software.citation_id 
_software.pdbx_ordinal 
REFMAC   refinement        5.2.0019 ? 1 
HKL-2000 'data collection' .        ? 2 
HKL-2000 'data reduction'  .        ? 3 
HKL-2000 'data scaling'    .        ? 4 
SOLVE    phasing           .        ? 5 
# 
_cell.entry_id           3D2N 
_cell.length_a           49.320 
_cell.length_b           49.320 
_cell.length_c           36.026 
_cell.angle_alpha        90.00 
_cell.angle_beta         90.00 
_cell.angle_gamma        120.00 
_cell.Z_PDB              3 
_cell.pdbx_unique_axis   ? 
_cell.length_a_esd       ? 
_cell.length_b_esd       ? 
_cell.length_c_esd       ? 
_cell.angle_alpha_esd    ? 
_cell.angle_beta_esd     ? 
_cell.angle_gamma_esd    ? 
# 
_symmetry.entry_id                         3D2N 
_symmetry.space_group_name_H-M             'P 31' 
_symmetry.pdbx_full_space_group_name_H-M   ? 
_symmetry.cell_setting                     ? 
_symmetry.Int_Tables_number                144 
_symmetry.space_group_name_Hall            ? 
# 
_exptl.entry_id          3D2N 
_exptl.method            'X-RAY DIFFRACTION' 
_exptl.crystals_number   1 
# 
_exptl_crystal.id                    1 
_exptl_crystal.density_meas          ? 
_exptl_crystal.density_Matthews      2.63 
_exptl_crystal.density_percent_sol   53.22 
_exptl_crystal.description           ? 
_exptl_crystal.F_000                 ? 
_exptl_crystal.preparation           ? 
# 
_exptl_crystal_grow.crystal_id      1 
_exptl_crystal_grow.method          'VAPOR DIFFUSION' 
_exptl_crystal_grow.temp            277 
_exptl_crystal_grow.temp_details    ? 
_exptl_crystal_grow.pH              7.2 
_exptl_crystal_grow.pdbx_details    
'20% PEG 4000, 0.1M sodium citrate, 20 % isopropanol, pH 7.2, VAPOR DIFFUSION, temperature 277K' 
_exptl_crystal_grow.pdbx_pH_range   . 
# 
_diffrn.id                     1 
_diffrn.ambient_temp           100 
_diffrn.ambient_temp_details   ? 
_diffrn.crystal_id             1 
# 
_diffrn_detector.diffrn_id              1 
_diffrn_detector.detector               CCD 
_diffrn_detector.type                   'ADSC QUANTUM 315' 
_diffrn_detector.pdbx_collection_date   2007-10-27 
_diffrn_detector.details                ? 
# 
_diffrn_radiation.diffrn_id                        1 
_diffrn_radiation.wavelength_id                    1 
_diffrn_radiation.pdbx_monochromatic_or_laue_m_l   M 
_diffrn_radiation.monochromator                    ? 
_diffrn_radiation.pdbx_diffrn_protocol             'SINGLE WAVELENGTH' 
_diffrn_radiation.pdbx_scattering_type             x-ray 
# 
_diffrn_radiation_wavelength.id           1 
_diffrn_radiation_wavelength.wavelength   1.2821 
_diffrn_radiation_wavelength.wt           1.0 
# 
_diffrn_source.diffrn_id                   1 
_diffrn_source.source                      SYNCHROTRON 
_diffrn_source.type                        'APS BEAMLINE 24-ID-C' 
_diffrn_source.pdbx_synchrotron_site       APS 
_diffrn_source.pdbx_synchrotron_beamline   24-ID-C 
_diffrn_source.pdbx_wavelength             ? 
_diffrn_source.pdbx_wavelength_list        1.2821 
# 
_reflns.entry_id                     3D2N 
_reflns.observed_criterion_sigma_F   ? 
_reflns.observed_criterion_sigma_I   2 
_reflns.d_resolution_high            2.7 
_reflns.d_resolution_low             50 
_reflns.number_all                   ? 
_reflns.number_obs                   5336 
_reflns.percent_possible_obs         98.7 
_reflns.pdbx_Rmerge_I_obs            ? 
_reflns.pdbx_Rsym_value              0.06 
_reflns.pdbx_netI_over_sigmaI        ? 
_reflns.B_iso_Wilson_estimate        ? 
_reflns.pdbx_redundancy              2.9 
_reflns.R_free_details               ? 
_reflns.limit_h_max                  ? 
_reflns.limit_h_min                  ? 
_reflns.limit_k_max                  ? 
_reflns.limit_k_min                  ? 
_reflns.limit_l_max                  ? 
_reflns.limit_l_min                  ? 
_reflns.observed_criterion_F_max     ? 
_reflns.observed_criterion_F_min     ? 
_reflns.pdbx_chi_squared             ? 
_reflns.pdbx_scaling_rejects         ? 
_reflns.pdbx_diffrn_id               1 
_reflns.pdbx_ordinal                 1 
# 
_reflns_shell.d_res_high             2.7 
_reflns_shell.d_res_low              2.8 
_reflns_shell.percent_possible_all   90.1 
_reflns_shell.Rmerge_I_obs           ? 
_reflns_shell.pdbx_Rsym_value        0.274 
_reflns_shell.meanI_over_sigI_obs    2.7 
_reflns_shell.pdbx_redundancy        2.3 
_reflns_shell.percent_possible_obs   ? 
_reflns_shell.number_unique_all      ? 
_reflns_shell.number_measured_all    ? 
_reflns_shell.number_measured_obs    ? 
_reflns_shell.number_unique_obs      ? 
_reflns_shell.pdbx_chi_squared       ? 
_reflns_shell.pdbx_diffrn_id         ? 
_reflns_shell.pdbx_ordinal           1 
# 
_refine.entry_id                                 3D2N 
_refine.ls_number_reflns_obs                     2553 
_refine.ls_number_reflns_all                     ? 
_refine.pdbx_ls_sigma_I                          ? 
_refine.pdbx_ls_sigma_F                          ? 
_refine.pdbx_data_cutoff_high_absF               ? 
_refine.pdbx_data_cutoff_low_absF                ? 
_refine.pdbx_data_cutoff_high_rms_absF           ? 
_refine.ls_d_res_low                             20.00 
_refine.ls_d_res_high                            2.70 
_refine.ls_percent_reflns_obs                    99.63 
_refine.ls_R_factor_obs                          0.23284 
_refine.ls_R_factor_all                          ? 
_refine.ls_R_factor_R_work                       0.23042 
_refine.ls_R_factor_R_free                       0.27942 
_refine.ls_R_factor_R_free_error                 ? 
_refine.ls_R_factor_R_free_error_details         ? 
_refine.ls_percent_reflns_R_free                 4.6 
_refine.ls_number_reflns_R_free                  124 
_refine.ls_number_parameters                     ? 
_refine.ls_number_restraints                     ? 
_refine.occupancy_min                            ? 
_refine.occupancy_max                            ? 
_refine.correlation_coeff_Fo_to_Fc               0.932 
_refine.correlation_coeff_Fo_to_Fc_free          0.877 
_refine.B_iso_mean                               50.872 
_refine.aniso_B[1][1]                            0.57 
_refine.aniso_B[2][2]                            0.57 
_refine.aniso_B[3][3]                            -0.85 
_refine.aniso_B[1][2]                            0.28 
_refine.aniso_B[1][3]                            0.00 
_refine.aniso_B[2][3]                            0.00 
_refine.solvent_model_details                    MASK 
_refine.solvent_model_param_ksol                 ? 
_refine.solvent_model_param_bsol                 ? 
_refine.pdbx_solvent_vdw_probe_radii             1.20 
_refine.pdbx_solvent_ion_probe_radii             0.80 
_refine.pdbx_solvent_shrinkage_radii             0.80 
_refine.pdbx_ls_cross_valid_method               THROUGHOUT 
_refine.details                                  ? 
_refine.pdbx_starting_model                      ? 
_refine.pdbx_method_to_determine_struct          SAD 
_refine.pdbx_isotropic_thermal_model             ? 
_refine.pdbx_stereochemistry_target_values       'MAXIMUM LIKELIHOOD' 
_refine.pdbx_stereochem_target_val_spec_case     ? 
_refine.pdbx_R_Free_selection_details            RANDOM 
_refine.pdbx_overall_ESU_R                       1.749 
_refine.pdbx_overall_ESU_R_Free                  0.378 
_refine.overall_SU_ML                            0.319 
_refine.overall_SU_B                             33.586 
_refine.ls_redundancy_reflns_obs                 ? 
_refine.B_iso_min                                ? 
_refine.B_iso_max                                ? 
_refine.overall_SU_R_Cruickshank_DPI             ? 
_refine.overall_SU_R_free                        ? 
_refine.ls_wR_factor_R_free                      ? 
_refine.ls_wR_factor_R_work                      ? 
_refine.overall_FOM_free_R_set                   ? 
_refine.overall_FOM_work_R_set                   ? 
_refine.pdbx_overall_phase_error                 ? 
_refine.pdbx_refine_id                           'X-RAY DIFFRACTION' 
_refine.pdbx_diffrn_id                           1 
_refine.pdbx_TLS_residual_ADP_flag               ? 
_refine.pdbx_overall_SU_R_free_Cruickshank_DPI   ? 
_refine.pdbx_overall_SU_R_Blow_DPI               ? 
_refine.pdbx_overall_SU_R_free_Blow_DPI          ? 
# 
_refine_hist.pdbx_refine_id                   'X-RAY DIFFRACTION' 
_refine_hist.cycle_id                         LAST 
_refine_hist.pdbx_number_atoms_protein        610 
_refine_hist.pdbx_number_atoms_nucleic_acid   0 
_refine_hist.pdbx_number_atoms_ligand         2 
_refine_hist.number_atoms_solvent             6 
_refine_hist.number_atoms_total               618 
_refine_hist.d_res_high                       2.70 
_refine_hist.d_res_low                        20.00 
# 
loop_
_refine_ls_restr.type 
_refine_ls_restr.dev_ideal 
_refine_ls_restr.dev_ideal_target 
_refine_ls_restr.weight 
_refine_ls_restr.number 
_refine_ls_restr.pdbx_refine_id 
_refine_ls_restr.pdbx_restraint_function 
r_bond_refined_d             0.009  0.021  ? 631 'X-RAY DIFFRACTION' ? 
r_bond_other_d               ?      ?      ? ?   'X-RAY DIFFRACTION' ? 
r_angle_refined_deg          1.579  1.959  ? 844 'X-RAY DIFFRACTION' ? 
r_angle_other_deg            ?      ?      ? ?   'X-RAY DIFFRACTION' ? 
r_dihedral_angle_1_deg       7.874  5.000  ? 75  'X-RAY DIFFRACTION' ? 
r_dihedral_angle_2_deg       41.775 22.903 ? 31  'X-RAY DIFFRACTION' ? 
r_dihedral_angle_3_deg       22.044 15.000 ? 114 'X-RAY DIFFRACTION' ? 
r_dihedral_angle_4_deg       13.888 15.000 ? 7   'X-RAY DIFFRACTION' ? 
r_chiral_restr               0.109  0.200  ? 88  'X-RAY DIFFRACTION' ? 
r_gen_planes_refined         0.004  0.020  ? 476 'X-RAY DIFFRACTION' ? 
r_gen_planes_other           ?      ?      ? ?   'X-RAY DIFFRACTION' ? 
r_nbd_refined                0.266  0.200  ? 245 'X-RAY DIFFRACTION' ? 
r_nbd_other                  ?      ?      ? ?   'X-RAY DIFFRACTION' ? 
r_nbtor_refined              0.314  0.200  ? 396 'X-RAY DIFFRACTION' ? 
r_nbtor_other                ?      ?      ? ?   'X-RAY DIFFRACTION' ? 
r_xyhbond_nbd_refined        0.224  0.200  ? 23  'X-RAY DIFFRACTION' ? 
r_xyhbond_nbd_other          ?      ?      ? ?   'X-RAY DIFFRACTION' ? 
r_metal_ion_refined          ?      ?      ? ?   'X-RAY DIFFRACTION' ? 
r_metal_ion_other            ?      ?      ? ?   'X-RAY DIFFRACTION' ? 
r_symmetry_vdw_refined       0.251  0.200  ? 20  'X-RAY DIFFRACTION' ? 
r_symmetry_vdw_other         ?      ?      ? ?   'X-RAY DIFFRACTION' ? 
r_symmetry_hbond_refined     0.140  0.200  ? 2   'X-RAY DIFFRACTION' ? 
r_symmetry_hbond_other       ?      ?      ? ?   'X-RAY DIFFRACTION' ? 
r_symmetry_metal_ion_refined ?      ?      ? ?   'X-RAY DIFFRACTION' ? 
r_symmetry_metal_ion_other   ?      ?      ? ?   'X-RAY DIFFRACTION' ? 
r_mcbond_it                  0.398  1.500  ? 390 'X-RAY DIFFRACTION' ? 
r_mcbond_other               ?      ?      ? ?   'X-RAY DIFFRACTION' ? 
r_mcangle_it                 0.717  2.000  ? 616 'X-RAY DIFFRACTION' ? 
r_scbond_it                  1.231  3.000  ? 266 'X-RAY DIFFRACTION' ? 
r_scangle_it                 1.903  4.500  ? 228 'X-RAY DIFFRACTION' ? 
r_rigid_bond_restr           ?      ?      ? ?   'X-RAY DIFFRACTION' ? 
r_sphericity_free            ?      ?      ? ?   'X-RAY DIFFRACTION' ? 
r_sphericity_bonded          ?      ?      ? ?   'X-RAY DIFFRACTION' ? 
# 
_refine_ls_shell.pdbx_total_number_of_bins_used   20 
_refine_ls_shell.d_res_high                       2.702 
_refine_ls_shell.d_res_low                        2.771 
_refine_ls_shell.number_reflns_R_work             194 
_refine_ls_shell.R_factor_R_work                  0.28 
_refine_ls_shell.percent_reflns_obs               95.39 
_refine_ls_shell.R_factor_R_free                  0.516 
_refine_ls_shell.R_factor_R_free_error            ? 
_refine_ls_shell.percent_reflns_R_free            ? 
_refine_ls_shell.number_reflns_R_free             13 
_refine_ls_shell.number_reflns_all                ? 
_refine_ls_shell.R_factor_all                     ? 
_refine_ls_shell.number_reflns_obs                ? 
_refine_ls_shell.redundancy_reflns_obs            ? 
_refine_ls_shell.pdbx_refine_id                   'X-RAY DIFFRACTION' 
# 
_struct.entry_id                  3D2N 
_struct.title                     'Crystal structure of MBNL1 tandem zinc finger 1 and 2 domain' 
_struct.pdbx_model_details        ? 
_struct.pdbx_CASP_flag            ? 
_struct.pdbx_model_type_details   ? 
# 
_struct_keywords.entry_id        3D2N 
_struct_keywords.pdbx_keywords   'METAL BINDING, RNA BINDING PROTEIN' 
_struct_keywords.text            
;tandem zinc finger domain, Alternative splicing, Metal-binding, Nucleus, RNA-binding, Zinc, Zinc-finger, METAL BINDING, RNA BINDING PROTEIN
;
# 
loop_
_struct_asym.id 
_struct_asym.pdbx_blank_PDB_chainid_flag 
_struct_asym.pdbx_modified 
_struct_asym.entity_id 
_struct_asym.details 
A N N 1 ? 
B N N 2 ? 
C N N 2 ? 
D N N 3 ? 
# 
_struct_ref.id                         1 
_struct_ref.db_name                    UNP 
_struct_ref.db_code                    MBNL1_HUMAN 
_struct_ref.pdbx_db_accession          Q9NR56 
_struct_ref.entity_id                  1 
_struct_ref.pdbx_seq_one_letter_code   
;RDTKWLTLEVCREFQRGTCSRPDTECKFAHPSKSCQVENGRVIACFDSLKGRCSRENCKYLHPPPHLKTQLEINGRNNLI
QQ
;
_struct_ref.pdbx_align_begin           9 
_struct_ref.pdbx_db_isoform            ? 
# 
_struct_ref_seq.align_id                      1 
_struct_ref_seq.ref_id                        1 
_struct_ref_seq.pdbx_PDB_id_code              3D2N 
_struct_ref_seq.pdbx_strand_id                A 
_struct_ref_seq.seq_align_beg                 2 
_struct_ref_seq.pdbx_seq_align_beg_ins_code   ? 
_struct_ref_seq.seq_align_end                 83 
_struct_ref_seq.pdbx_seq_align_end_ins_code   ? 
_struct_ref_seq.pdbx_db_accession             Q9NR56 
_struct_ref_seq.db_align_beg                  9 
_struct_ref_seq.pdbx_db_align_beg_ins_code    ? 
_struct_ref_seq.db_align_end                  90 
_struct_ref_seq.pdbx_db_align_end_ins_code    ? 
_struct_ref_seq.pdbx_auth_seq_align_beg       9 
_struct_ref_seq.pdbx_auth_seq_align_end       90 
# 
_struct_ref_seq_dif.align_id                     1 
_struct_ref_seq_dif.pdbx_pdb_id_code             3D2N 
_struct_ref_seq_dif.mon_id                       SER 
_struct_ref_seq_dif.pdbx_pdb_strand_id           A 
_struct_ref_seq_dif.seq_num                      1 
_struct_ref_seq_dif.pdbx_pdb_ins_code            ? 
_struct_ref_seq_dif.pdbx_seq_db_name             UNP 
_struct_ref_seq_dif.pdbx_seq_db_accession_code   Q9NR56 
_struct_ref_seq_dif.db_mon_id                    ? 
_struct_ref_seq_dif.pdbx_seq_db_seq_num          ? 
_struct_ref_seq_dif.details                      'expression tag' 
_struct_ref_seq_dif.pdbx_auth_seq_num            8 
_struct_ref_seq_dif.pdbx_ordinal                 1 
# 
_pdbx_struct_assembly.id                   1 
_pdbx_struct_assembly.details              author_and_software_defined_assembly 
_pdbx_struct_assembly.method_details       PISA 
_pdbx_struct_assembly.oligomeric_details   monomeric 
_pdbx_struct_assembly.oligomeric_count     1 
# 
_pdbx_struct_assembly_gen.assembly_id       1 
_pdbx_struct_assembly_gen.oper_expression   1 
_pdbx_struct_assembly_gen.asym_id_list      A,B,C,D 
# 
_pdbx_struct_oper_list.id                   1 
_pdbx_struct_oper_list.type                 'identity operation' 
_pdbx_struct_oper_list.name                 1_555 
_pdbx_struct_oper_list.symmetry_operation   x,y,z 
_pdbx_struct_oper_list.matrix[1][1]         1.0000000000 
_pdbx_struct_oper_list.matrix[1][2]         0.0000000000 
_pdbx_struct_oper_list.matrix[1][3]         0.0000000000 
_pdbx_struct_oper_list.vector[1]            0.0000000000 
_pdbx_struct_oper_list.matrix[2][1]         0.0000000000 
_pdbx_struct_oper_list.matrix[2][2]         1.0000000000 
_pdbx_struct_oper_list.matrix[2][3]         0.0000000000 
_pdbx_struct_oper_list.vector[2]            0.0000000000 
_pdbx_struct_oper_list.matrix[3][1]         0.0000000000 
_pdbx_struct_oper_list.matrix[3][2]         0.0000000000 
_pdbx_struct_oper_list.matrix[3][3]         1.0000000000 
_pdbx_struct_oper_list.vector[3]            0.0000000000 
# 
_struct_biol.id        1 
_struct_biol.details   ? 
# 
loop_
_struct_conf.conf_type_id 
_struct_conf.id 
_struct_conf.pdbx_PDB_helix_id 
_struct_conf.beg_label_comp_id 
_struct_conf.beg_label_asym_id 
_struct_conf.beg_label_seq_id 
_struct_conf.pdbx_beg_PDB_ins_code 
_struct_conf.end_label_comp_id 
_struct_conf.end_label_asym_id 
_struct_conf.end_label_seq_id 
_struct_conf.pdbx_end_PDB_ins_code 
_struct_conf.beg_auth_comp_id 
_struct_conf.beg_auth_asym_id 
_struct_conf.beg_auth_seq_id 
_struct_conf.end_auth_comp_id 
_struct_conf.end_auth_asym_id 
_struct_conf.end_auth_seq_id 
_struct_conf.pdbx_PDB_helix_class 
_struct_conf.details 
_struct_conf.pdbx_PDB_helix_length 
HELX_P HELX_P1 1 THR A 4  ? TRP A 6  ? THR A 11 TRP A 13 5 ? 3  
HELX_P HELX_P2 2 GLU A 14 ? GLY A 18 ? GLU A 21 GLY A 25 5 ? 5  
HELX_P HELX_P3 3 CYS A 46 ? LYS A 51 ? CYS A 53 LYS A 58 1 ? 6  
HELX_P HELX_P4 4 PRO A 65 ? GLY A 76 ? PRO A 72 GLY A 83 1 ? 12 
# 
_struct_conf_type.id          HELX_P 
_struct_conf_type.criteria    ? 
_struct_conf_type.reference   ? 
# 
loop_
_struct_conn.id 
_struct_conn.conn_type_id 
_struct_conn.pdbx_leaving_atom_flag 
_struct_conn.pdbx_PDB_id 
_struct_conn.ptnr1_label_asym_id 
_struct_conn.ptnr1_label_comp_id 
_struct_conn.ptnr1_label_seq_id 
_struct_conn.ptnr1_label_atom_id 
_struct_conn.pdbx_ptnr1_label_alt_id 
_struct_conn.pdbx_ptnr1_PDB_ins_code 
_struct_conn.pdbx_ptnr1_standard_comp_id 
_struct_conn.ptnr1_symmetry 
_struct_conn.ptnr2_label_asym_id 
_struct_conn.ptnr2_label_comp_id 
_struct_conn.ptnr2_label_seq_id 
_struct_conn.ptnr2_label_atom_id 
_struct_conn.pdbx_ptnr2_label_alt_id 
_struct_conn.pdbx_ptnr2_PDB_ins_code 
_struct_conn.ptnr1_auth_asym_id 
_struct_conn.ptnr1_auth_comp_id 
_struct_conn.ptnr1_auth_seq_id 
_struct_conn.ptnr2_auth_asym_id 
_struct_conn.ptnr2_auth_comp_id 
_struct_conn.ptnr2_auth_seq_id 
_struct_conn.ptnr2_symmetry 
_struct_conn.pdbx_ptnr3_label_atom_id 
_struct_conn.pdbx_ptnr3_label_seq_id 
_struct_conn.pdbx_ptnr3_label_comp_id 
_struct_conn.pdbx_ptnr3_label_asym_id 
_struct_conn.pdbx_ptnr3_label_alt_id 
_struct_conn.pdbx_ptnr3_PDB_ins_code 
_struct_conn.details 
_struct_conn.pdbx_dist_value 
_struct_conn.pdbx_value_order 
_struct_conn.pdbx_role 
metalc1 metalc ? ? A CYS 12 SG  ? ? ? 1_555 B ZN . ZN ? ? A CYS 19 A ZN 101 1_555 ? ? ? ? ? ? ? 2.334 ? ? 
metalc2 metalc ? ? A CYS 20 SG  ? ? ? 1_555 B ZN . ZN ? ? A CYS 27 A ZN 101 1_555 ? ? ? ? ? ? ? 2.338 ? ? 
metalc3 metalc ? ? A CYS 27 SG  ? ? ? 1_555 B ZN . ZN ? ? A CYS 34 A ZN 101 1_555 ? ? ? ? ? ? ? 2.343 ? ? 
metalc4 metalc ? ? A HIS 31 NE2 ? ? ? 1_555 B ZN . ZN ? ? A HIS 38 A ZN 101 1_555 ? ? ? ? ? ? ? 2.071 ? ? 
metalc5 metalc ? ? A CYS 46 SG  ? ? ? 1_555 C ZN . ZN ? ? A CYS 53 A ZN 102 1_555 ? ? ? ? ? ? ? 2.327 ? ? 
metalc6 metalc ? ? A CYS 54 SG  ? ? ? 1_555 C ZN . ZN ? ? A CYS 61 A ZN 102 1_555 ? ? ? ? ? ? ? 2.344 ? ? 
metalc7 metalc ? ? A CYS 59 SG  ? ? ? 1_555 C ZN . ZN ? ? A CYS 66 A ZN 102 1_555 ? ? ? ? ? ? ? 2.329 ? ? 
metalc8 metalc ? ? A HIS 63 NE2 ? ? ? 1_555 C ZN . ZN ? ? A HIS 70 A ZN 102 1_555 ? ? ? ? ? ? ? 2.082 ? ? 
# 
_struct_conn_type.id          metalc 
_struct_conn_type.criteria    ? 
_struct_conn_type.reference   ? 
# 
loop_
_pdbx_struct_conn_angle.id 
_pdbx_struct_conn_angle.ptnr1_label_atom_id 
_pdbx_struct_conn_angle.ptnr1_label_alt_id 
_pdbx_struct_conn_angle.ptnr1_label_asym_id 
_pdbx_struct_conn_angle.ptnr1_label_comp_id 
_pdbx_struct_conn_angle.ptnr1_label_seq_id 
_pdbx_struct_conn_angle.ptnr1_auth_atom_id 
_pdbx_struct_conn_angle.ptnr1_auth_asym_id 
_pdbx_struct_conn_angle.ptnr1_auth_comp_id 
_pdbx_struct_conn_angle.ptnr1_auth_seq_id 
_pdbx_struct_conn_angle.ptnr1_PDB_ins_code 
_pdbx_struct_conn_angle.ptnr1_symmetry 
_pdbx_struct_conn_angle.ptnr2_label_atom_id 
_pdbx_struct_conn_angle.ptnr2_label_alt_id 
_pdbx_struct_conn_angle.ptnr2_label_asym_id 
_pdbx_struct_conn_angle.ptnr2_label_comp_id 
_pdbx_struct_conn_angle.ptnr2_label_seq_id 
_pdbx_struct_conn_angle.ptnr2_auth_atom_id 
_pdbx_struct_conn_angle.ptnr2_auth_asym_id 
_pdbx_struct_conn_angle.ptnr2_auth_comp_id 
_pdbx_struct_conn_angle.ptnr2_auth_seq_id 
_pdbx_struct_conn_angle.ptnr2_PDB_ins_code 
_pdbx_struct_conn_angle.ptnr2_symmetry 
_pdbx_struct_conn_angle.ptnr3_label_atom_id 
_pdbx_struct_conn_angle.ptnr3_label_alt_id 
_pdbx_struct_conn_angle.ptnr3_label_asym_id 
_pdbx_struct_conn_angle.ptnr3_label_comp_id 
_pdbx_struct_conn_angle.ptnr3_label_seq_id 
_pdbx_struct_conn_angle.ptnr3_auth_atom_id 
_pdbx_struct_conn_angle.ptnr3_auth_asym_id 
_pdbx_struct_conn_angle.ptnr3_auth_comp_id 
_pdbx_struct_conn_angle.ptnr3_auth_seq_id 
_pdbx_struct_conn_angle.ptnr3_PDB_ins_code 
_pdbx_struct_conn_angle.ptnr3_symmetry 
_pdbx_struct_conn_angle.value 
_pdbx_struct_conn_angle.value_esd 
1  SG ? A CYS 12 ? A CYS 19 ? 1_555 ZN ? B ZN . ? A ZN 101 ? 1_555 SG  ? A CYS 20 ? A CYS 27 ? 1_555 113.0 ? 
2  SG ? A CYS 12 ? A CYS 19 ? 1_555 ZN ? B ZN . ? A ZN 101 ? 1_555 SG  ? A CYS 27 ? A CYS 34 ? 1_555 111.0 ? 
3  SG ? A CYS 20 ? A CYS 27 ? 1_555 ZN ? B ZN . ? A ZN 101 ? 1_555 SG  ? A CYS 27 ? A CYS 34 ? 1_555 119.2 ? 
4  SG ? A CYS 12 ? A CYS 19 ? 1_555 ZN ? B ZN . ? A ZN 101 ? 1_555 NE2 ? A HIS 31 ? A HIS 38 ? 1_555 105.7 ? 
5  SG ? A CYS 20 ? A CYS 27 ? 1_555 ZN ? B ZN . ? A ZN 101 ? 1_555 NE2 ? A HIS 31 ? A HIS 38 ? 1_555 109.2 ? 
6  SG ? A CYS 27 ? A CYS 34 ? 1_555 ZN ? B ZN . ? A ZN 101 ? 1_555 NE2 ? A HIS 31 ? A HIS 38 ? 1_555 96.8  ? 
7  SG ? A CYS 46 ? A CYS 53 ? 1_555 ZN ? C ZN . ? A ZN 102 ? 1_555 SG  ? A CYS 54 ? A CYS 61 ? 1_555 107.6 ? 
8  SG ? A CYS 46 ? A CYS 53 ? 1_555 ZN ? C ZN . ? A ZN 102 ? 1_555 SG  ? A CYS 59 ? A CYS 66 ? 1_555 103.3 ? 
9  SG ? A CYS 54 ? A CYS 61 ? 1_555 ZN ? C ZN . ? A ZN 102 ? 1_555 SG  ? A CYS 59 ? A CYS 66 ? 1_555 139.9 ? 
10 SG ? A CYS 46 ? A CYS 53 ? 1_555 ZN ? C ZN . ? A ZN 102 ? 1_555 NE2 ? A HIS 63 ? A HIS 70 ? 1_555 110.7 ? 
11 SG ? A CYS 54 ? A CYS 61 ? 1_555 ZN ? C ZN . ? A ZN 102 ? 1_555 NE2 ? A HIS 63 ? A HIS 70 ? 1_555 95.5  ? 
12 SG ? A CYS 59 ? A CYS 66 ? 1_555 ZN ? C ZN . ? A ZN 102 ? 1_555 NE2 ? A HIS 63 ? A HIS 70 ? 1_555 96.9  ? 
# 
_struct_sheet.id               A 
_struct_sheet.type             ? 
_struct_sheet.number_strands   3 
_struct_sheet.details          ? 
# 
loop_
_struct_sheet_order.sheet_id 
_struct_sheet_order.range_id_1 
_struct_sheet_order.range_id_2 
_struct_sheet_order.offset 
_struct_sheet_order.sense 
A 1 2 ? anti-parallel 
A 2 3 ? anti-parallel 
# 
loop_
_struct_sheet_range.sheet_id 
_struct_sheet_range.id 
_struct_sheet_range.beg_label_comp_id 
_struct_sheet_range.beg_label_asym_id 
_struct_sheet_range.beg_label_seq_id 
_struct_sheet_range.pdbx_beg_PDB_ins_code 
_struct_sheet_range.end_label_comp_id 
_struct_sheet_range.end_label_asym_id 
_struct_sheet_range.end_label_seq_id 
_struct_sheet_range.pdbx_end_PDB_ins_code 
_struct_sheet_range.beg_auth_comp_id 
_struct_sheet_range.beg_auth_asym_id 
_struct_sheet_range.beg_auth_seq_id 
_struct_sheet_range.end_auth_comp_id 
_struct_sheet_range.end_auth_asym_id 
_struct_sheet_range.end_auth_seq_id 
A 1 THR A 8  ? GLU A 10 ? THR A 15 GLU A 17 
A 2 ARG A 42 ? ILE A 44 ? ARG A 49 ILE A 51 
A 3 VAL A 38 ? GLU A 39 ? VAL A 45 GLU A 46 
# 
loop_
_pdbx_struct_sheet_hbond.sheet_id 
_pdbx_struct_sheet_hbond.range_id_1 
_pdbx_struct_sheet_hbond.range_id_2 
_pdbx_struct_sheet_hbond.range_1_label_atom_id 
_pdbx_struct_sheet_hbond.range_1_label_comp_id 
_pdbx_struct_sheet_hbond.range_1_label_asym_id 
_pdbx_struct_sheet_hbond.range_1_label_seq_id 
_pdbx_struct_sheet_hbond.range_1_PDB_ins_code 
_pdbx_struct_sheet_hbond.range_1_auth_atom_id 
_pdbx_struct_sheet_hbond.range_1_auth_comp_id 
_pdbx_struct_sheet_hbond.range_1_auth_asym_id 
_pdbx_struct_sheet_hbond.range_1_auth_seq_id 
_pdbx_struct_sheet_hbond.range_2_label_atom_id 
_pdbx_struct_sheet_hbond.range_2_label_comp_id 
_pdbx_struct_sheet_hbond.range_2_label_asym_id 
_pdbx_struct_sheet_hbond.range_2_label_seq_id 
_pdbx_struct_sheet_hbond.range_2_PDB_ins_code 
_pdbx_struct_sheet_hbond.range_2_auth_atom_id 
_pdbx_struct_sheet_hbond.range_2_auth_comp_id 
_pdbx_struct_sheet_hbond.range_2_auth_asym_id 
_pdbx_struct_sheet_hbond.range_2_auth_seq_id 
A 1 2 N LEU A 9  ? N LEU A 16 O VAL A 43 ? O VAL A 50 
A 2 3 O ARG A 42 ? O ARG A 49 N GLU A 39 ? N GLU A 46 
# 
loop_
_struct_site.id 
_struct_site.pdbx_evidence_code 
_struct_site.pdbx_auth_asym_id 
_struct_site.pdbx_auth_comp_id 
_struct_site.pdbx_auth_seq_id 
_struct_site.pdbx_auth_ins_code 
_struct_site.pdbx_num_residues 
_struct_site.details 
AC1 Software A ZN 101 ? 4 'BINDING SITE FOR RESIDUE ZN A 101' 
AC2 Software A ZN 102 ? 5 'BINDING SITE FOR RESIDUE ZN A 102' 
# 
loop_
_struct_site_gen.id 
_struct_site_gen.site_id 
_struct_site_gen.pdbx_num_res 
_struct_site_gen.label_comp_id 
_struct_site_gen.label_asym_id 
_struct_site_gen.label_seq_id 
_struct_site_gen.pdbx_auth_ins_code 
_struct_site_gen.auth_comp_id 
_struct_site_gen.auth_asym_id 
_struct_site_gen.auth_seq_id 
_struct_site_gen.label_atom_id 
_struct_site_gen.label_alt_id 
_struct_site_gen.symmetry 
_struct_site_gen.details 
1 AC1 4 CYS A 12 ? CYS A 19 . ? 1_555 ? 
2 AC1 4 CYS A 20 ? CYS A 27 . ? 1_555 ? 
3 AC1 4 CYS A 27 ? CYS A 34 . ? 1_555 ? 
4 AC1 4 HIS A 31 ? HIS A 38 . ? 1_555 ? 
5 AC2 5 CYS A 46 ? CYS A 53 . ? 1_555 ? 
6 AC2 5 CYS A 54 ? CYS A 61 . ? 1_555 ? 
7 AC2 5 CYS A 59 ? CYS A 66 . ? 1_555 ? 
8 AC2 5 TYR A 61 ? TYR A 68 . ? 1_555 ? 
9 AC2 5 HIS A 63 ? HIS A 70 . ? 1_555 ? 
# 
loop_
_pdbx_validate_torsion.id 
_pdbx_validate_torsion.PDB_model_num 
_pdbx_validate_torsion.auth_comp_id 
_pdbx_validate_torsion.auth_asym_id 
_pdbx_validate_torsion.auth_seq_id 
_pdbx_validate_torsion.PDB_ins_code 
_pdbx_validate_torsion.label_alt_id 
_pdbx_validate_torsion.phi 
_pdbx_validate_torsion.psi 
1 1 TRP A 13 ? ? -27.30  -58.14 
2 1 LYS A 41 ? ? -68.37  66.38  
3 1 SER A 42 ? ? -163.82 -1.71  
4 1 ASN A 47 ? ? -15.18  103.62 
5 1 LYS A 58 ? ? -63.03  16.58  
6 1 SER A 62 ? ? -146.03 11.92  
7 1 LEU A 69 ? ? -26.83  136.09 
# 
loop_
_pdbx_unobs_or_zero_occ_residues.id 
_pdbx_unobs_or_zero_occ_residues.PDB_model_num 
_pdbx_unobs_or_zero_occ_residues.polymer_flag 
_pdbx_unobs_or_zero_occ_residues.occupancy_flag 
_pdbx_unobs_or_zero_occ_residues.auth_asym_id 
_pdbx_unobs_or_zero_occ_residues.auth_comp_id 
_pdbx_unobs_or_zero_occ_residues.auth_seq_id 
_pdbx_unobs_or_zero_occ_residues.PDB_ins_code 
_pdbx_unobs_or_zero_occ_residues.label_asym_id 
_pdbx_unobs_or_zero_occ_residues.label_comp_id 
_pdbx_unobs_or_zero_occ_residues.label_seq_id 
1 1 Y 1 A SER 8  ? A SER 1  
2 1 Y 1 A ARG 9  ? A ARG 2  
3 1 Y 1 A ASP 10 ? A ASP 3  
4 1 Y 1 A LEU 87 ? A LEU 80 
5 1 Y 1 A ILE 88 ? A ILE 81 
6 1 Y 1 A GLN 89 ? A GLN 82 
7 1 Y 1 A GLN 90 ? A GLN 83 
# 
loop_
_chem_comp_atom.comp_id 
_chem_comp_atom.atom_id 
_chem_comp_atom.type_symbol 
_chem_comp_atom.pdbx_aromatic_flag 
_chem_comp_atom.pdbx_stereo_config 
_chem_comp_atom.pdbx_ordinal 
ALA N    N  N N 1   
ALA CA   C  N S 2   
ALA C    C  N N 3   
ALA O    O  N N 4   
ALA CB   C  N N 5   
ALA OXT  O  N N 6   
ALA H    H  N N 7   
ALA H2   H  N N 8   
ALA HA   H  N N 9   
ALA HB1  H  N N 10  
ALA HB2  H  N N 11  
ALA HB3  H  N N 12  
ALA HXT  H  N N 13  
ARG N    N  N N 14  
ARG CA   C  N S 15  
ARG C    C  N N 16  
ARG O    O  N N 17  
ARG CB   C  N N 18  
ARG CG   C  N N 19  
ARG CD   C  N N 20  
ARG NE   N  N N 21  
ARG CZ   C  N N 22  
ARG NH1  N  N N 23  
ARG NH2  N  N N 24  
ARG OXT  O  N N 25  
ARG H    H  N N 26  
ARG H2   H  N N 27  
ARG HA   H  N N 28  
ARG HB2  H  N N 29  
ARG HB3  H  N N 30  
ARG HG2  H  N N 31  
ARG HG3  H  N N 32  
ARG HD2  H  N N 33  
ARG HD3  H  N N 34  
ARG HE   H  N N 35  
ARG HH11 H  N N 36  
ARG HH12 H  N N 37  
ARG HH21 H  N N 38  
ARG HH22 H  N N 39  
ARG HXT  H  N N 40  
ASN N    N  N N 41  
ASN CA   C  N S 42  
ASN C    C  N N 43  
ASN O    O  N N 44  
ASN CB   C  N N 45  
ASN CG   C  N N 46  
ASN OD1  O  N N 47  
ASN ND2  N  N N 48  
ASN OXT  O  N N 49  
ASN H    H  N N 50  
ASN H2   H  N N 51  
ASN HA   H  N N 52  
ASN HB2  H  N N 53  
ASN HB3  H  N N 54  
ASN HD21 H  N N 55  
ASN HD22 H  N N 56  
ASN HXT  H  N N 57  
ASP N    N  N N 58  
ASP CA   C  N S 59  
ASP C    C  N N 60  
ASP O    O  N N 61  
ASP CB   C  N N 62  
ASP CG   C  N N 63  
ASP OD1  O  N N 64  
ASP OD2  O  N N 65  
ASP OXT  O  N N 66  
ASP H    H  N N 67  
ASP H2   H  N N 68  
ASP HA   H  N N 69  
ASP HB2  H  N N 70  
ASP HB3  H  N N 71  
ASP HD2  H  N N 72  
ASP HXT  H  N N 73  
CYS N    N  N N 74  
CYS CA   C  N R 75  
CYS C    C  N N 76  
CYS O    O  N N 77  
CYS CB   C  N N 78  
CYS SG   S  N N 79  
CYS OXT  O  N N 80  
CYS H    H  N N 81  
CYS H2   H  N N 82  
CYS HA   H  N N 83  
CYS HB2  H  N N 84  
CYS HB3  H  N N 85  
CYS HG   H  N N 86  
CYS HXT  H  N N 87  
GLN N    N  N N 88  
GLN CA   C  N S 89  
GLN C    C  N N 90  
GLN O    O  N N 91  
GLN CB   C  N N 92  
GLN CG   C  N N 93  
GLN CD   C  N N 94  
GLN OE1  O  N N 95  
GLN NE2  N  N N 96  
GLN OXT  O  N N 97  
GLN H    H  N N 98  
GLN H2   H  N N 99  
GLN HA   H  N N 100 
GLN HB2  H  N N 101 
GLN HB3  H  N N 102 
GLN HG2  H  N N 103 
GLN HG3  H  N N 104 
GLN HE21 H  N N 105 
GLN HE22 H  N N 106 
GLN HXT  H  N N 107 
GLU N    N  N N 108 
GLU CA   C  N S 109 
GLU C    C  N N 110 
GLU O    O  N N 111 
GLU CB   C  N N 112 
GLU CG   C  N N 113 
GLU CD   C  N N 114 
GLU OE1  O  N N 115 
GLU OE2  O  N N 116 
GLU OXT  O  N N 117 
GLU H    H  N N 118 
GLU H2   H  N N 119 
GLU HA   H  N N 120 
GLU HB2  H  N N 121 
GLU HB3  H  N N 122 
GLU HG2  H  N N 123 
GLU HG3  H  N N 124 
GLU HE2  H  N N 125 
GLU HXT  H  N N 126 
GLY N    N  N N 127 
GLY CA   C  N N 128 
GLY C    C  N N 129 
GLY O    O  N N 130 
GLY OXT  O  N N 131 
GLY H    H  N N 132 
GLY H2   H  N N 133 
GLY HA2  H  N N 134 
GLY HA3  H  N N 135 
GLY HXT  H  N N 136 
HIS N    N  N N 137 
HIS CA   C  N S 138 
HIS C    C  N N 139 
HIS O    O  N N 140 
HIS CB   C  N N 141 
HIS CG   C  Y N 142 
HIS ND1  N  Y N 143 
HIS CD2  C  Y N 144 
HIS CE1  C  Y N 145 
HIS NE2  N  Y N 146 
HIS OXT  O  N N 147 
HIS H    H  N N 148 
HIS H2   H  N N 149 
HIS HA   H  N N 150 
HIS HB2  H  N N 151 
HIS HB3  H  N N 152 
HIS HD1  H  N N 153 
HIS HD2  H  N N 154 
HIS HE1  H  N N 155 
HIS HE2  H  N N 156 
HIS HXT  H  N N 157 
HOH O    O  N N 158 
HOH H1   H  N N 159 
HOH H2   H  N N 160 
ILE N    N  N N 161 
ILE CA   C  N S 162 
ILE C    C  N N 163 
ILE O    O  N N 164 
ILE CB   C  N S 165 
ILE CG1  C  N N 166 
ILE CG2  C  N N 167 
ILE CD1  C  N N 168 
ILE OXT  O  N N 169 
ILE H    H  N N 170 
ILE H2   H  N N 171 
ILE HA   H  N N 172 
ILE HB   H  N N 173 
ILE HG12 H  N N 174 
ILE HG13 H  N N 175 
ILE HG21 H  N N 176 
ILE HG22 H  N N 177 
ILE HG23 H  N N 178 
ILE HD11 H  N N 179 
ILE HD12 H  N N 180 
ILE HD13 H  N N 181 
ILE HXT  H  N N 182 
LEU N    N  N N 183 
LEU CA   C  N S 184 
LEU C    C  N N 185 
LEU O    O  N N 186 
LEU CB   C  N N 187 
LEU CG   C  N N 188 
LEU CD1  C  N N 189 
LEU CD2  C  N N 190 
LEU OXT  O  N N 191 
LEU H    H  N N 192 
LEU H2   H  N N 193 
LEU HA   H  N N 194 
LEU HB2  H  N N 195 
LEU HB3  H  N N 196 
LEU HG   H  N N 197 
LEU HD11 H  N N 198 
LEU HD12 H  N N 199 
LEU HD13 H  N N 200 
LEU HD21 H  N N 201 
LEU HD22 H  N N 202 
LEU HD23 H  N N 203 
LEU HXT  H  N N 204 
LYS N    N  N N 205 
LYS CA   C  N S 206 
LYS C    C  N N 207 
LYS O    O  N N 208 
LYS CB   C  N N 209 
LYS CG   C  N N 210 
LYS CD   C  N N 211 
LYS CE   C  N N 212 
LYS NZ   N  N N 213 
LYS OXT  O  N N 214 
LYS H    H  N N 215 
LYS H2   H  N N 216 
LYS HA   H  N N 217 
LYS HB2  H  N N 218 
LYS HB3  H  N N 219 
LYS HG2  H  N N 220 
LYS HG3  H  N N 221 
LYS HD2  H  N N 222 
LYS HD3  H  N N 223 
LYS HE2  H  N N 224 
LYS HE3  H  N N 225 
LYS HZ1  H  N N 226 
LYS HZ2  H  N N 227 
LYS HZ3  H  N N 228 
LYS HXT  H  N N 229 
PHE N    N  N N 230 
PHE CA   C  N S 231 
PHE C    C  N N 232 
PHE O    O  N N 233 
PHE CB   C  N N 234 
PHE CG   C  Y N 235 
PHE CD1  C  Y N 236 
PHE CD2  C  Y N 237 
PHE CE1  C  Y N 238 
PHE CE2  C  Y N 239 
PHE CZ   C  Y N 240 
PHE OXT  O  N N 241 
PHE H    H  N N 242 
PHE H2   H  N N 243 
PHE HA   H  N N 244 
PHE HB2  H  N N 245 
PHE HB3  H  N N 246 
PHE HD1  H  N N 247 
PHE HD2  H  N N 248 
PHE HE1  H  N N 249 
PHE HE2  H  N N 250 
PHE HZ   H  N N 251 
PHE HXT  H  N N 252 
PRO N    N  N N 253 
PRO CA   C  N S 254 
PRO C    C  N N 255 
PRO O    O  N N 256 
PRO CB   C  N N 257 
PRO CG   C  N N 258 
PRO CD   C  N N 259 
PRO OXT  O  N N 260 
PRO H    H  N N 261 
PRO HA   H  N N 262 
PRO HB2  H  N N 263 
PRO HB3  H  N N 264 
PRO HG2  H  N N 265 
PRO HG3  H  N N 266 
PRO HD2  H  N N 267 
PRO HD3  H  N N 268 
PRO HXT  H  N N 269 
SER N    N  N N 270 
SER CA   C  N S 271 
SER C    C  N N 272 
SER O    O  N N 273 
SER CB   C  N N 274 
SER OG   O  N N 275 
SER OXT  O  N N 276 
SER H    H  N N 277 
SER H2   H  N N 278 
SER HA   H  N N 279 
SER HB2  H  N N 280 
SER HB3  H  N N 281 
SER HG   H  N N 282 
SER HXT  H  N N 283 
THR N    N  N N 284 
THR CA   C  N S 285 
THR C    C  N N 286 
THR O    O  N N 287 
THR CB   C  N R 288 
THR OG1  O  N N 289 
THR CG2  C  N N 290 
THR OXT  O  N N 291 
THR H    H  N N 292 
THR H2   H  N N 293 
THR HA   H  N N 294 
THR HB   H  N N 295 
THR HG1  H  N N 296 
THR HG21 H  N N 297 
THR HG22 H  N N 298 
THR HG23 H  N N 299 
THR HXT  H  N N 300 
TRP N    N  N N 301 
TRP CA   C  N S 302 
TRP C    C  N N 303 
TRP O    O  N N 304 
TRP CB   C  N N 305 
TRP CG   C  Y N 306 
TRP CD1  C  Y N 307 
TRP CD2  C  Y N 308 
TRP NE1  N  Y N 309 
TRP CE2  C  Y N 310 
TRP CE3  C  Y N 311 
TRP CZ2  C  Y N 312 
TRP CZ3  C  Y N 313 
TRP CH2  C  Y N 314 
TRP OXT  O  N N 315 
TRP H    H  N N 316 
TRP H2   H  N N 317 
TRP HA   H  N N 318 
TRP HB2  H  N N 319 
TRP HB3  H  N N 320 
TRP HD1  H  N N 321 
TRP HE1  H  N N 322 
TRP HE3  H  N N 323 
TRP HZ2  H  N N 324 
TRP HZ3  H  N N 325 
TRP HH2  H  N N 326 
TRP HXT  H  N N 327 
TYR N    N  N N 328 
TYR CA   C  N S 329 
TYR C    C  N N 330 
TYR O    O  N N 331 
TYR CB   C  N N 332 
TYR CG   C  Y N 333 
TYR CD1  C  Y N 334 
TYR CD2  C  Y N 335 
TYR CE1  C  Y N 336 
TYR CE2  C  Y N 337 
TYR CZ   C  Y N 338 
TYR OH   O  N N 339 
TYR OXT  O  N N 340 
TYR H    H  N N 341 
TYR H2   H  N N 342 
TYR HA   H  N N 343 
TYR HB2  H  N N 344 
TYR HB3  H  N N 345 
TYR HD1  H  N N 346 
TYR HD2  H  N N 347 
TYR HE1  H  N N 348 
TYR HE2  H  N N 349 
TYR HH   H  N N 350 
TYR HXT  H  N N 351 
VAL N    N  N N 352 
VAL CA   C  N S 353 
VAL C    C  N N 354 
VAL O    O  N N 355 
VAL CB   C  N N 356 
VAL CG1  C  N N 357 
VAL CG2  C  N N 358 
VAL OXT  O  N N 359 
VAL H    H  N N 360 
VAL H2   H  N N 361 
VAL HA   H  N N 362 
VAL HB   H  N N 363 
VAL HG11 H  N N 364 
VAL HG12 H  N N 365 
VAL HG13 H  N N 366 
VAL HG21 H  N N 367 
VAL HG22 H  N N 368 
VAL HG23 H  N N 369 
VAL HXT  H  N N 370 
ZN  ZN   ZN N N 371 
# 
loop_
_chem_comp_bond.comp_id 
_chem_comp_bond.atom_id_1 
_chem_comp_bond.atom_id_2 
_chem_comp_bond.value_order 
_chem_comp_bond.pdbx_aromatic_flag 
_chem_comp_bond.pdbx_stereo_config 
_chem_comp_bond.pdbx_ordinal 
ALA N   CA   sing N N 1   
ALA N   H    sing N N 2   
ALA N   H2   sing N N 3   
ALA CA  C    sing N N 4   
ALA CA  CB   sing N N 5   
ALA CA  HA   sing N N 6   
ALA C   O    doub N N 7   
ALA C   OXT  sing N N 8   
ALA CB  HB1  sing N N 9   
ALA CB  HB2  sing N N 10  
ALA CB  HB3  sing N N 11  
ALA OXT HXT  sing N N 12  
ARG N   CA   sing N N 13  
ARG N   H    sing N N 14  
ARG N   H2   sing N N 15  
ARG CA  C    sing N N 16  
ARG CA  CB   sing N N 17  
ARG CA  HA   sing N N 18  
ARG C   O    doub N N 19  
ARG C   OXT  sing N N 20  
ARG CB  CG   sing N N 21  
ARG CB  HB2  sing N N 22  
ARG CB  HB3  sing N N 23  
ARG CG  CD   sing N N 24  
ARG CG  HG2  sing N N 25  
ARG CG  HG3  sing N N 26  
ARG CD  NE   sing N N 27  
ARG CD  HD2  sing N N 28  
ARG CD  HD3  sing N N 29  
ARG NE  CZ   sing N N 30  
ARG NE  HE   sing N N 31  
ARG CZ  NH1  sing N N 32  
ARG CZ  NH2  doub N N 33  
ARG NH1 HH11 sing N N 34  
ARG NH1 HH12 sing N N 35  
ARG NH2 HH21 sing N N 36  
ARG NH2 HH22 sing N N 37  
ARG OXT HXT  sing N N 38  
ASN N   CA   sing N N 39  
ASN N   H    sing N N 40  
ASN N   H2   sing N N 41  
ASN CA  C    sing N N 42  
ASN CA  CB   sing N N 43  
ASN CA  HA   sing N N 44  
ASN C   O    doub N N 45  
ASN C   OXT  sing N N 46  
ASN CB  CG   sing N N 47  
ASN CB  HB2  sing N N 48  
ASN CB  HB3  sing N N 49  
ASN CG  OD1  doub N N 50  
ASN CG  ND2  sing N N 51  
ASN ND2 HD21 sing N N 52  
ASN ND2 HD22 sing N N 53  
ASN OXT HXT  sing N N 54  
ASP N   CA   sing N N 55  
ASP N   H    sing N N 56  
ASP N   H2   sing N N 57  
ASP CA  C    sing N N 58  
ASP CA  CB   sing N N 59  
ASP CA  HA   sing N N 60  
ASP C   O    doub N N 61  
ASP C   OXT  sing N N 62  
ASP CB  CG   sing N N 63  
ASP CB  HB2  sing N N 64  
ASP CB  HB3  sing N N 65  
ASP CG  OD1  doub N N 66  
ASP CG  OD2  sing N N 67  
ASP OD2 HD2  sing N N 68  
ASP OXT HXT  sing N N 69  
CYS N   CA   sing N N 70  
CYS N   H    sing N N 71  
CYS N   H2   sing N N 72  
CYS CA  C    sing N N 73  
CYS CA  CB   sing N N 74  
CYS CA  HA   sing N N 75  
CYS C   O    doub N N 76  
CYS C   OXT  sing N N 77  
CYS CB  SG   sing N N 78  
CYS CB  HB2  sing N N 79  
CYS CB  HB3  sing N N 80  
CYS SG  HG   sing N N 81  
CYS OXT HXT  sing N N 82  
GLN N   CA   sing N N 83  
GLN N   H    sing N N 84  
GLN N   H2   sing N N 85  
GLN CA  C    sing N N 86  
GLN CA  CB   sing N N 87  
GLN CA  HA   sing N N 88  
GLN C   O    doub N N 89  
GLN C   OXT  sing N N 90  
GLN CB  CG   sing N N 91  
GLN CB  HB2  sing N N 92  
GLN CB  HB3  sing N N 93  
GLN CG  CD   sing N N 94  
GLN CG  HG2  sing N N 95  
GLN CG  HG3  sing N N 96  
GLN CD  OE1  doub N N 97  
GLN CD  NE2  sing N N 98  
GLN NE2 HE21 sing N N 99  
GLN NE2 HE22 sing N N 100 
GLN OXT HXT  sing N N 101 
GLU N   CA   sing N N 102 
GLU N   H    sing N N 103 
GLU N   H2   sing N N 104 
GLU CA  C    sing N N 105 
GLU CA  CB   sing N N 106 
GLU CA  HA   sing N N 107 
GLU C   O    doub N N 108 
GLU C   OXT  sing N N 109 
GLU CB  CG   sing N N 110 
GLU CB  HB2  sing N N 111 
GLU CB  HB3  sing N N 112 
GLU CG  CD   sing N N 113 
GLU CG  HG2  sing N N 114 
GLU CG  HG3  sing N N 115 
GLU CD  OE1  doub N N 116 
GLU CD  OE2  sing N N 117 
GLU OE2 HE2  sing N N 118 
GLU OXT HXT  sing N N 119 
GLY N   CA   sing N N 120 
GLY N   H    sing N N 121 
GLY N   H2   sing N N 122 
GLY CA  C    sing N N 123 
GLY CA  HA2  sing N N 124 
GLY CA  HA3  sing N N 125 
GLY C   O    doub N N 126 
GLY C   OXT  sing N N 127 
GLY OXT HXT  sing N N 128 
HIS N   CA   sing N N 129 
HIS N   H    sing N N 130 
HIS N   H2   sing N N 131 
HIS CA  C    sing N N 132 
HIS CA  CB   sing N N 133 
HIS CA  HA   sing N N 134 
HIS C   O    doub N N 135 
HIS C   OXT  sing N N 136 
HIS CB  CG   sing N N 137 
HIS CB  HB2  sing N N 138 
HIS CB  HB3  sing N N 139 
HIS CG  ND1  sing Y N 140 
HIS CG  CD2  doub Y N 141 
HIS ND1 CE1  doub Y N 142 
HIS ND1 HD1  sing N N 143 
HIS CD2 NE2  sing Y N 144 
HIS CD2 HD2  sing N N 145 
HIS CE1 NE2  sing Y N 146 
HIS CE1 HE1  sing N N 147 
HIS NE2 HE2  sing N N 148 
HIS OXT HXT  sing N N 149 
HOH O   H1   sing N N 150 
HOH O   H2   sing N N 151 
ILE N   CA   sing N N 152 
ILE N   H    sing N N 153 
ILE N   H2   sing N N 154 
ILE CA  C    sing N N 155 
ILE CA  CB   sing N N 156 
ILE CA  HA   sing N N 157 
ILE C   O    doub N N 158 
ILE C   OXT  sing N N 159 
ILE CB  CG1  sing N N 160 
ILE CB  CG2  sing N N 161 
ILE CB  HB   sing N N 162 
ILE CG1 CD1  sing N N 163 
ILE CG1 HG12 sing N N 164 
ILE CG1 HG13 sing N N 165 
ILE CG2 HG21 sing N N 166 
ILE CG2 HG22 sing N N 167 
ILE CG2 HG23 sing N N 168 
ILE CD1 HD11 sing N N 169 
ILE CD1 HD12 sing N N 170 
ILE CD1 HD13 sing N N 171 
ILE OXT HXT  sing N N 172 
LEU N   CA   sing N N 173 
LEU N   H    sing N N 174 
LEU N   H2   sing N N 175 
LEU CA  C    sing N N 176 
LEU CA  CB   sing N N 177 
LEU CA  HA   sing N N 178 
LEU C   O    doub N N 179 
LEU C   OXT  sing N N 180 
LEU CB  CG   sing N N 181 
LEU CB  HB2  sing N N 182 
LEU CB  HB3  sing N N 183 
LEU CG  CD1  sing N N 184 
LEU CG  CD2  sing N N 185 
LEU CG  HG   sing N N 186 
LEU CD1 HD11 sing N N 187 
LEU CD1 HD12 sing N N 188 
LEU CD1 HD13 sing N N 189 
LEU CD2 HD21 sing N N 190 
LEU CD2 HD22 sing N N 191 
LEU CD2 HD23 sing N N 192 
LEU OXT HXT  sing N N 193 
LYS N   CA   sing N N 194 
LYS N   H    sing N N 195 
LYS N   H2   sing N N 196 
LYS CA  C    sing N N 197 
LYS CA  CB   sing N N 198 
LYS CA  HA   sing N N 199 
LYS C   O    doub N N 200 
LYS C   OXT  sing N N 201 
LYS CB  CG   sing N N 202 
LYS CB  HB2  sing N N 203 
LYS CB  HB3  sing N N 204 
LYS CG  CD   sing N N 205 
LYS CG  HG2  sing N N 206 
LYS CG  HG3  sing N N 207 
LYS CD  CE   sing N N 208 
LYS CD  HD2  sing N N 209 
LYS CD  HD3  sing N N 210 
LYS CE  NZ   sing N N 211 
LYS CE  HE2  sing N N 212 
LYS CE  HE3  sing N N 213 
LYS NZ  HZ1  sing N N 214 
LYS NZ  HZ2  sing N N 215 
LYS NZ  HZ3  sing N N 216 
LYS OXT HXT  sing N N 217 
PHE N   CA   sing N N 218 
PHE N   H    sing N N 219 
PHE N   H2   sing N N 220 
PHE CA  C    sing N N 221 
PHE CA  CB   sing N N 222 
PHE CA  HA   sing N N 223 
PHE C   O    doub N N 224 
PHE C   OXT  sing N N 225 
PHE CB  CG   sing N N 226 
PHE CB  HB2  sing N N 227 
PHE CB  HB3  sing N N 228 
PHE CG  CD1  doub Y N 229 
PHE CG  CD2  sing Y N 230 
PHE CD1 CE1  sing Y N 231 
PHE CD1 HD1  sing N N 232 
PHE CD2 CE2  doub Y N 233 
PHE CD2 HD2  sing N N 234 
PHE CE1 CZ   doub Y N 235 
PHE CE1 HE1  sing N N 236 
PHE CE2 CZ   sing Y N 237 
PHE CE2 HE2  sing N N 238 
PHE CZ  HZ   sing N N 239 
PHE OXT HXT  sing N N 240 
PRO N   CA   sing N N 241 
PRO N   CD   sing N N 242 
PRO N   H    sing N N 243 
PRO CA  C    sing N N 244 
PRO CA  CB   sing N N 245 
PRO CA  HA   sing N N 246 
PRO C   O    doub N N 247 
PRO C   OXT  sing N N 248 
PRO CB  CG   sing N N 249 
PRO CB  HB2  sing N N 250 
PRO CB  HB3  sing N N 251 
PRO CG  CD   sing N N 252 
PRO CG  HG2  sing N N 253 
PRO CG  HG3  sing N N 254 
PRO CD  HD2  sing N N 255 
PRO CD  HD3  sing N N 256 
PRO OXT HXT  sing N N 257 
SER N   CA   sing N N 258 
SER N   H    sing N N 259 
SER N   H2   sing N N 260 
SER CA  C    sing N N 261 
SER CA  CB   sing N N 262 
SER CA  HA   sing N N 263 
SER C   O    doub N N 264 
SER C   OXT  sing N N 265 
SER CB  OG   sing N N 266 
SER CB  HB2  sing N N 267 
SER CB  HB3  sing N N 268 
SER OG  HG   sing N N 269 
SER OXT HXT  sing N N 270 
THR N   CA   sing N N 271 
THR N   H    sing N N 272 
THR N   H2   sing N N 273 
THR CA  C    sing N N 274 
THR CA  CB   sing N N 275 
THR CA  HA   sing N N 276 
THR C   O    doub N N 277 
THR C   OXT  sing N N 278 
THR CB  OG1  sing N N 279 
THR CB  CG2  sing N N 280 
THR CB  HB   sing N N 281 
THR OG1 HG1  sing N N 282 
THR CG2 HG21 sing N N 283 
THR CG2 HG22 sing N N 284 
THR CG2 HG23 sing N N 285 
THR OXT HXT  sing N N 286 
TRP N   CA   sing N N 287 
TRP N   H    sing N N 288 
TRP N   H2   sing N N 289 
TRP CA  C    sing N N 290 
TRP CA  CB   sing N N 291 
TRP CA  HA   sing N N 292 
TRP C   O    doub N N 293 
TRP C   OXT  sing N N 294 
TRP CB  CG   sing N N 295 
TRP CB  HB2  sing N N 296 
TRP CB  HB3  sing N N 297 
TRP CG  CD1  doub Y N 298 
TRP CG  CD2  sing Y N 299 
TRP CD1 NE1  sing Y N 300 
TRP CD1 HD1  sing N N 301 
TRP CD2 CE2  doub Y N 302 
TRP CD2 CE3  sing Y N 303 
TRP NE1 CE2  sing Y N 304 
TRP NE1 HE1  sing N N 305 
TRP CE2 CZ2  sing Y N 306 
TRP CE3 CZ3  doub Y N 307 
TRP CE3 HE3  sing N N 308 
TRP CZ2 CH2  doub Y N 309 
TRP CZ2 HZ2  sing N N 310 
TRP CZ3 CH2  sing Y N 311 
TRP CZ3 HZ3  sing N N 312 
TRP CH2 HH2  sing N N 313 
TRP OXT HXT  sing N N 314 
TYR N   CA   sing N N 315 
TYR N   H    sing N N 316 
TYR N   H2   sing N N 317 
TYR CA  C    sing N N 318 
TYR CA  CB   sing N N 319 
TYR CA  HA   sing N N 320 
TYR C   O    doub N N 321 
TYR C   OXT  sing N N 322 
TYR CB  CG   sing N N 323 
TYR CB  HB2  sing N N 324 
TYR CB  HB3  sing N N 325 
TYR CG  CD1  doub Y N 326 
TYR CG  CD2  sing Y N 327 
TYR CD1 CE1  sing Y N 328 
TYR CD1 HD1  sing N N 329 
TYR CD2 CE2  doub Y N 330 
TYR CD2 HD2  sing N N 331 
TYR CE1 CZ   doub Y N 332 
TYR CE1 HE1  sing N N 333 
TYR CE2 CZ   sing Y N 334 
TYR CE2 HE2  sing N N 335 
TYR CZ  OH   sing N N 336 
TYR OH  HH   sing N N 337 
TYR OXT HXT  sing N N 338 
VAL N   CA   sing N N 339 
VAL N   H    sing N N 340 
VAL N   H2   sing N N 341 
VAL CA  C    sing N N 342 
VAL CA  CB   sing N N 343 
VAL CA  HA   sing N N 344 
VAL C   O    doub N N 345 
VAL C   OXT  sing N N 346 
VAL CB  CG1  sing N N 347 
VAL CB  CG2  sing N N 348 
VAL CB  HB   sing N N 349 
VAL CG1 HG11 sing N N 350 
VAL CG1 HG12 sing N N 351 
VAL CG1 HG13 sing N N 352 
VAL CG2 HG21 sing N N 353 
VAL CG2 HG22 sing N N 354 
VAL CG2 HG23 sing N N 355 
VAL OXT HXT  sing N N 356 
# 
_atom_sites.entry_id                    3D2N 
_atom_sites.fract_transf_matrix[1][1]   0.00871729 
_atom_sites.fract_transf_matrix[1][2]   0.01651351 
_atom_sites.fract_transf_matrix[1][3]   -0.01412301 
_atom_sites.fract_transf_matrix[2][1]   -0.00206280 
_atom_sites.fract_transf_matrix[2][2]   -0.00217313 
_atom_sites.fract_transf_matrix[2][3]   -0.02321948 
_atom_sites.fract_transf_matrix[3][1]   -0.02421587 
_atom_sites.fract_transf_matrix[3][2]   0.01353943 
_atom_sites.fract_transf_matrix[3][3]   0.00088416 
_atom_sites.fract_transf_vector[1]      -0.132240 
_atom_sites.fract_transf_vector[2]      -0.358158 
_atom_sites.fract_transf_vector[3]      -0.044700 
# 
loop_
_atom_type.symbol 
C  
N  
O  
S  
ZN 
# 
loop_
_atom_site.group_PDB 
_atom_site.id 
_atom_site.type_symbol 
_atom_site.label_atom_id 
_atom_site.label_alt_id 
_atom_site.label_comp_id 
_atom_site.label_asym_id 
_atom_site.label_entity_id 
_atom_site.label_seq_id 
_atom_site.pdbx_PDB_ins_code 
_atom_site.Cartn_x 
_atom_site.Cartn_y 
_atom_site.Cartn_z 
_atom_site.occupancy 
_atom_site.B_iso_or_equiv 
_atom_site.pdbx_formal_charge 
_atom_site.auth_seq_id 
_atom_site.auth_comp_id 
_atom_site.auth_asym_id 
_atom_site.auth_atom_id 
_atom_site.pdbx_PDB_model_num 
ATOM   1   N  N   . THR A 1 4  ? 11.802  2.352   -7.183  1.00 61.25 ? 11  THR A N   1 
ATOM   2   C  CA  . THR A 1 4  ? 11.253  2.053   -8.534  1.00 61.12 ? 11  THR A CA  1 
ATOM   3   C  C   . THR A 1 4  ? 9.754   2.303   -8.502  1.00 61.07 ? 11  THR A C   1 
ATOM   4   O  O   . THR A 1 4  ? 9.171   2.473   -7.432  1.00 60.93 ? 11  THR A O   1 
ATOM   5   C  CB  . THR A 1 4  ? 11.541  0.590   -8.983  1.00 61.09 ? 11  THR A CB  1 
ATOM   6   O  OG1 . THR A 1 4  ? 11.077  -0.325  -7.982  1.00 61.12 ? 11  THR A OG1 1 
ATOM   7   C  CG2 . THR A 1 4  ? 13.033  0.360   -9.218  1.00 60.93 ? 11  THR A CG2 1 
ATOM   8   N  N   . LYS A 1 5  ? 9.149   2.339   -9.687  1.00 61.25 ? 12  LYS A N   1 
ATOM   9   C  CA  . LYS A 1 5  ? 7.695   2.457   -9.852  1.00 61.37 ? 12  LYS A CA  1 
ATOM   10  C  C   . LYS A 1 5  ? 7.003   1.108   -9.639  1.00 61.01 ? 12  LYS A C   1 
ATOM   11  O  O   . LYS A 1 5  ? 5.769   1.018   -9.546  1.00 60.55 ? 12  LYS A O   1 
ATOM   12  C  CB  . LYS A 1 5  ? 7.370   3.009   -11.250 1.00 61.75 ? 12  LYS A CB  1 
ATOM   13  C  CG  . LYS A 1 5  ? 6.924   4.480   -11.249 1.00 62.88 ? 12  LYS A CG  1 
ATOM   14  C  CD  . LYS A 1 5  ? 5.468   4.592   -10.784 1.00 65.20 ? 12  LYS A CD  1 
ATOM   15  C  CE  . LYS A 1 5  ? 5.110   6.001   -10.328 1.00 65.79 ? 12  LYS A CE  1 
ATOM   16  N  NZ  . LYS A 1 5  ? 3.703   6.025   -9.851  1.00 66.89 ? 12  LYS A NZ  1 
ATOM   17  N  N   . TRP A 1 6  ? 7.833   0.067   -9.601  1.00 60.77 ? 13  TRP A N   1 
ATOM   18  C  CA  . TRP A 1 6  ? 7.465   -1.281  -9.204  1.00 60.34 ? 13  TRP A CA  1 
ATOM   19  C  C   . TRP A 1 6  ? 6.297   -1.235  -8.245  1.00 59.40 ? 13  TRP A C   1 
ATOM   20  O  O   . TRP A 1 6  ? 5.223   -1.766  -8.516  1.00 59.32 ? 13  TRP A O   1 
ATOM   21  C  CB  . TRP A 1 6  ? 8.652   -1.862  -8.442  1.00 61.33 ? 13  TRP A CB  1 
ATOM   22  C  CG  . TRP A 1 6  ? 8.817   -3.331  -8.519  1.00 62.43 ? 13  TRP A CG  1 
ATOM   23  C  CD1 . TRP A 1 6  ? 9.091   -4.059  -9.640  1.00 64.64 ? 13  TRP A CD1 1 
ATOM   24  C  CD2 . TRP A 1 6  ? 8.796   -4.264  -7.430  1.00 63.28 ? 13  TRP A CD2 1 
ATOM   25  N  NE1 . TRP A 1 6  ? 9.220   -5.390  -9.322  1.00 65.42 ? 13  TRP A NE1 1 
ATOM   26  C  CE2 . TRP A 1 6  ? 9.036   -5.542  -7.970  1.00 64.57 ? 13  TRP A CE2 1 
ATOM   27  C  CE3 . TRP A 1 6  ? 8.587   -4.146  -6.055  1.00 64.29 ? 13  TRP A CE3 1 
ATOM   28  C  CZ2 . TRP A 1 6  ? 9.065   -6.699  -7.181  1.00 63.90 ? 13  TRP A CZ2 1 
ATOM   29  C  CZ3 . TRP A 1 6  ? 8.619   -5.295  -5.272  1.00 64.17 ? 13  TRP A CZ3 1 
ATOM   30  C  CH2 . TRP A 1 6  ? 8.854   -6.553  -5.838  1.00 63.28 ? 13  TRP A CH2 1 
ATOM   31  N  N   . LEU A 1 7  ? 6.543   -0.519  -7.151  1.00 58.15 ? 14  LEU A N   1 
ATOM   32  C  CA  . LEU A 1 7  ? 5.843   -0.653  -5.888  1.00 56.76 ? 14  LEU A CA  1 
ATOM   33  C  C   . LEU A 1 7  ? 4.634   0.245   -5.715  1.00 55.94 ? 14  LEU A C   1 
ATOM   34  O  O   . LEU A 1 7  ? 3.945   0.141   -4.707  1.00 55.75 ? 14  LEU A O   1 
ATOM   35  C  CB  . LEU A 1 7  ? 6.814   -0.289  -4.766  1.00 56.84 ? 14  LEU A CB  1 
ATOM   36  C  CG  . LEU A 1 7  ? 8.176   -0.957  -4.649  1.00 55.89 ? 14  LEU A CG  1 
ATOM   37  C  CD1 . LEU A 1 7  ? 9.148   0.038   -4.065  1.00 56.11 ? 14  LEU A CD1 1 
ATOM   38  C  CD2 . LEU A 1 7  ? 8.064   -2.167  -3.753  1.00 55.92 ? 14  LEU A CD2 1 
ATOM   39  N  N   . THR A 1 8  ? 4.390   1.146   -6.655  1.00 55.14 ? 15  THR A N   1 
ATOM   40  C  CA  . THR A 1 8  ? 3.382   2.174   -6.424  1.00 54.74 ? 15  THR A CA  1 
ATOM   41  C  C   . THR A 1 8  ? 1.943   1.666   -6.505  1.00 54.31 ? 15  THR A C   1 
ATOM   42  O  O   . THR A 1 8  ? 1.622   0.791   -7.313  1.00 54.26 ? 15  THR A O   1 
ATOM   43  C  CB  . THR A 1 8  ? 3.583   3.387   -7.340  1.00 54.83 ? 15  THR A CB  1 
ATOM   44  O  OG1 . THR A 1 8  ? 3.509   2.973   -8.708  1.00 55.22 ? 15  THR A OG1 1 
ATOM   45  C  CG2 . THR A 1 8  ? 4.941   4.032   -7.065  1.00 54.78 ? 15  THR A CG2 1 
ATOM   46  N  N   . LEU A 1 9  ? 1.101   2.223   -5.640  1.00 53.76 ? 16  LEU A N   1 
ATOM   47  C  CA  . LEU A 1 9  ? -0.319  1.891   -5.548  1.00 53.55 ? 16  LEU A CA  1 
ATOM   48  C  C   . LEU A 1 9  ? -1.221  3.136   -5.592  1.00 53.43 ? 16  LEU A C   1 
ATOM   49  O  O   . LEU A 1 9  ? -0.836  4.231   -5.167  1.00 53.30 ? 16  LEU A O   1 
ATOM   50  C  CB  . LEU A 1 9  ? -0.603  1.103   -4.267  1.00 53.56 ? 16  LEU A CB  1 
ATOM   51  C  CG  . LEU A 1 9  ? -0.123  -0.351  -4.167  1.00 53.79 ? 16  LEU A CG  1 
ATOM   52  C  CD1 . LEU A 1 9  ? 0.408   -0.675  -2.753  1.00 52.32 ? 16  LEU A CD1 1 
ATOM   53  C  CD2 . LEU A 1 9  ? -1.217  -1.322  -4.594  1.00 52.32 ? 16  LEU A CD2 1 
ATOM   54  N  N   . GLU A 1 10 ? -2.427  2.957   -6.122  1.00 52.90 ? 17  GLU A N   1 
ATOM   55  C  CA  . GLU A 1 10 ? -3.406  4.022   -6.168  1.00 52.18 ? 17  GLU A CA  1 
ATOM   56  C  C   . GLU A 1 10 ? -4.048  4.032   -4.791  1.00 51.51 ? 17  GLU A C   1 
ATOM   57  O  O   . GLU A 1 10 ? -4.517  3.007   -4.291  1.00 51.48 ? 17  GLU A O   1 
ATOM   58  C  CB  . GLU A 1 10 ? -4.432  3.718   -7.248  1.00 52.16 ? 17  GLU A CB  1 
ATOM   59  C  CG  . GLU A 1 10 ? -4.855  4.883   -8.133  1.00 52.58 ? 17  GLU A CG  1 
ATOM   60  C  CD  . GLU A 1 10 ? -5.942  4.486   -9.151  1.00 53.47 ? 17  GLU A CD  1 
ATOM   61  O  OE1 . GLU A 1 10 ? -5.991  3.307   -9.578  1.00 54.76 ? 17  GLU A OE1 1 
ATOM   62  O  OE2 . GLU A 1 10 ? -6.760  5.351   -9.544  1.00 56.18 ? 17  GLU A OE2 1 
ATOM   63  N  N   . VAL A 1 11 ? -4.022  5.198   -4.166  1.00 50.91 ? 18  VAL A N   1 
ATOM   64  C  CA  . VAL A 1 11 ? -4.622  5.403   -2.857  1.00 50.33 ? 18  VAL A CA  1 
ATOM   65  C  C   . VAL A 1 11 ? -6.137  5.499   -3.000  1.00 50.05 ? 18  VAL A C   1 
ATOM   66  O  O   . VAL A 1 11 ? -6.645  5.863   -4.061  1.00 49.75 ? 18  VAL A O   1 
ATOM   67  C  CB  . VAL A 1 11 ? -4.043  6.687   -2.210  1.00 50.36 ? 18  VAL A CB  1 
ATOM   68  C  CG1 . VAL A 1 11 ? -4.951  7.252   -1.125  1.00 51.12 ? 18  VAL A CG1 1 
ATOM   69  C  CG2 . VAL A 1 11 ? -2.659  6.420   -1.663  1.00 49.85 ? 18  VAL A CG2 1 
ATOM   70  N  N   . CYS A 1 12 ? -6.844  5.164   -1.926  1.00 49.90 ? 19  CYS A N   1 
ATOM   71  C  CA  . CYS A 1 12 ? -8.292  5.251   -1.877  1.00 49.45 ? 19  CYS A CA  1 
ATOM   72  C  C   . CYS A 1 12 ? -8.751  6.683   -1.610  1.00 49.27 ? 19  CYS A C   1 
ATOM   73  O  O   . CYS A 1 12 ? -8.626  7.175   -0.485  1.00 49.67 ? 19  CYS A O   1 
ATOM   74  C  CB  . CYS A 1 12 ? -8.813  4.334   -0.783  1.00 49.45 ? 19  CYS A CB  1 
ATOM   75  S  SG  . CYS A 1 12 ? -10.588 4.154   -0.834  1.00 51.22 ? 19  CYS A SG  1 
ATOM   76  N  N   . ARG A 1 13 ? -9.301  7.333   -2.636  1.00 48.67 ? 20  ARG A N   1 
ATOM   77  C  CA  . ARG A 1 13 ? -9.715  8.744   -2.575  1.00 48.04 ? 20  ARG A CA  1 
ATOM   78  C  C   . ARG A 1 13 ? -10.715 9.006   -1.457  1.00 47.53 ? 20  ARG A C   1 
ATOM   79  O  O   . ARG A 1 13 ? -10.796 10.124  -0.954  1.00 47.66 ? 20  ARG A O   1 
ATOM   80  C  CB  . ARG A 1 13 ? -10.220 9.286   -3.940  1.00 47.74 ? 20  ARG A CB  1 
ATOM   81  C  CG  . ARG A 1 13 ? -10.520 8.236   -5.060  1.00 48.61 ? 20  ARG A CG  1 
ATOM   82  C  CD  . ARG A 1 13 ? -11.164 8.818   -6.371  1.00 48.42 ? 20  ARG A CD  1 
ATOM   83  N  NE  . ARG A 1 13 ? -11.314 7.835   -7.465  1.00 46.59 ? 20  ARG A NE  1 
ATOM   84  C  CZ  . ARG A 1 13 ? -12.071 7.984   -8.557  1.00 44.97 ? 20  ARG A CZ  1 
ATOM   85  N  NH1 . ARG A 1 13 ? -12.801 9.078   -8.759  1.00 43.01 ? 20  ARG A NH1 1 
ATOM   86  N  NH2 . ARG A 1 13 ? -12.109 7.009   -9.459  1.00 44.19 ? 20  ARG A NH2 1 
ATOM   87  N  N   . GLU A 1 14 ? -11.443 7.965   -1.054  1.00 47.18 ? 21  GLU A N   1 
ATOM   88  C  CA  . GLU A 1 14 ? -12.482 8.055   -0.024  1.00 46.78 ? 21  GLU A CA  1 
ATOM   89  C  C   . GLU A 1 14 ? -11.891 7.968   1.368   1.00 46.66 ? 21  GLU A C   1 
ATOM   90  O  O   . GLU A 1 14 ? -12.116 8.841   2.193   1.00 47.04 ? 21  GLU A O   1 
ATOM   91  C  CB  . GLU A 1 14 ? -13.515 6.945   -0.199  1.00 46.84 ? 21  GLU A CB  1 
ATOM   92  C  CG  . GLU A 1 14 ? -14.007 6.749   -1.618  1.00 46.66 ? 21  GLU A CG  1 
ATOM   93  C  CD  . GLU A 1 14 ? -14.881 7.893   -2.089  1.00 48.77 ? 21  GLU A CD  1 
ATOM   94  O  OE1 . GLU A 1 14 ? -14.963 8.117   -3.321  1.00 50.31 ? 21  GLU A OE1 1 
ATOM   95  O  OE2 . GLU A 1 14 ? -15.487 8.570   -1.227  1.00 47.99 ? 21  GLU A OE2 1 
ATOM   96  N  N   . PHE A 1 15 ? -11.141 6.905   1.627   1.00 46.75 ? 22  PHE A N   1 
ATOM   97  C  CA  . PHE A 1 15 ? -10.345 6.784   2.832   1.00 46.94 ? 22  PHE A CA  1 
ATOM   98  C  C   . PHE A 1 15 ? -9.606  8.081   3.097   1.00 47.75 ? 22  PHE A C   1 
ATOM   99  O  O   . PHE A 1 15 ? -9.690  8.657   4.191   1.00 47.95 ? 22  PHE A O   1 
ATOM   100 C  CB  . PHE A 1 15 ? -9.319  5.663   2.678   1.00 46.61 ? 22  PHE A CB  1 
ATOM   101 C  CG  . PHE A 1 15 ? -8.608  5.314   3.957   1.00 46.29 ? 22  PHE A CG  1 
ATOM   102 C  CD1 . PHE A 1 15 ? -9.222  4.512   4.910   1.00 45.64 ? 22  PHE A CD1 1 
ATOM   103 C  CD2 . PHE A 1 15 ? -7.321  5.798   4.212   1.00 46.42 ? 22  PHE A CD2 1 
ATOM   104 C  CE1 . PHE A 1 15 ? -8.573  4.206   6.099   1.00 45.15 ? 22  PHE A CE1 1 
ATOM   105 C  CE2 . PHE A 1 15 ? -6.661  5.499   5.397   1.00 44.64 ? 22  PHE A CE2 1 
ATOM   106 C  CZ  . PHE A 1 15 ? -7.291  4.701   6.340   1.00 45.31 ? 22  PHE A CZ  1 
ATOM   107 N  N   . GLN A 1 16 ? -8.885  8.547   2.084   1.00 48.63 ? 23  GLN A N   1 
ATOM   108 C  CA  . GLN A 1 16 ? -8.009  9.701   2.247   1.00 49.49 ? 23  GLN A CA  1 
ATOM   109 C  C   . GLN A 1 16 ? -8.758  10.976  2.606   1.00 50.10 ? 23  GLN A C   1 
ATOM   110 O  O   . GLN A 1 16 ? -8.148  11.956  3.029   1.00 50.35 ? 23  GLN A O   1 
ATOM   111 C  CB  . GLN A 1 16 ? -7.140  9.891   1.004   1.00 49.76 ? 23  GLN A CB  1 
ATOM   112 C  CG  . GLN A 1 16 ? -5.671  10.201  1.320   1.00 50.98 ? 23  GLN A CG  1 
ATOM   113 C  CD  . GLN A 1 16 ? -5.013  9.204   2.280   1.00 51.99 ? 23  GLN A CD  1 
ATOM   114 O  OE1 . GLN A 1 16 ? -5.241  7.988   2.200   1.00 50.98 ? 23  GLN A OE1 1 
ATOM   115 N  NE2 . GLN A 1 16 ? -4.180  9.726   3.189   1.00 51.50 ? 23  GLN A NE2 1 
ATOM   116 N  N   . ARG A 1 17 ? -10.081 10.958  2.451   1.00 51.10 ? 24  ARG A N   1 
ATOM   117 C  CA  . ARG A 1 17 ? -10.925 12.039  2.967   1.00 51.67 ? 24  ARG A CA  1 
ATOM   118 C  C   . ARG A 1 17 ? -11.947 11.547  4.004   1.00 51.97 ? 24  ARG A C   1 
ATOM   119 O  O   . ARG A 1 17 ? -13.039 12.098  4.147   1.00 51.74 ? 24  ARG A O   1 
ATOM   120 C  CB  . ARG A 1 17 ? -11.552 12.847  1.827   1.00 51.49 ? 24  ARG A CB  1 
ATOM   121 C  CG  . ARG A 1 17 ? -12.847 12.322  1.276   1.00 52.40 ? 24  ARG A CG  1 
ATOM   122 C  CD  . ARG A 1 17 ? -13.652 13.493  0.695   1.00 54.53 ? 24  ARG A CD  1 
ATOM   123 N  NE  . ARG A 1 17 ? -15.084 13.220  0.573   1.00 54.49 ? 24  ARG A NE  1 
ATOM   124 C  CZ  . ARG A 1 17 ? -15.609 12.391  -0.325  1.00 55.34 ? 24  ARG A CZ  1 
ATOM   125 N  NH1 . ARG A 1 17 ? -14.820 11.742  -1.176  1.00 55.60 ? 24  ARG A NH1 1 
ATOM   126 N  NH2 . ARG A 1 17 ? -16.923 12.202  -0.369  1.00 55.66 ? 24  ARG A NH2 1 
ATOM   127 N  N   . GLY A 1 18 ? -11.553 10.496  4.722   1.00 52.55 ? 25  GLY A N   1 
ATOM   128 C  CA  . GLY A 1 18 ? -12.259 9.994   5.900   1.00 52.93 ? 25  GLY A CA  1 
ATOM   129 C  C   . GLY A 1 18 ? -13.566 9.244   5.705   1.00 53.42 ? 25  GLY A C   1 
ATOM   130 O  O   . GLY A 1 18 ? -14.345 9.145   6.655   1.00 53.72 ? 25  GLY A O   1 
ATOM   131 N  N   . THR A 1 19 ? -13.817 8.678   4.523   1.00 53.52 ? 26  THR A N   1 
ATOM   132 C  CA  . THR A 1 19 ? -15.174 8.188   4.219   1.00 53.56 ? 26  THR A CA  1 
ATOM   133 C  C   . THR A 1 19 ? -15.319 6.770   3.616   1.00 53.67 ? 26  THR A C   1 
ATOM   134 O  O   . THR A 1 19 ? -16.440 6.329   3.309   1.00 53.85 ? 26  THR A O   1 
ATOM   135 C  CB  . THR A 1 19 ? -15.987 9.264   3.414   1.00 53.66 ? 26  THR A CB  1 
ATOM   136 O  OG1 . THR A 1 19 ? -17.303 9.407   3.965   1.00 53.88 ? 26  THR A OG1 1 
ATOM   137 C  CG2 . THR A 1 19 ? -16.065 8.960   1.917   1.00 52.95 ? 26  THR A CG2 1 
ATOM   138 N  N   . CYS A 1 20 ? -14.206 6.052   3.467   1.00 53.29 ? 27  CYS A N   1 
ATOM   139 C  CA  . CYS A 1 20 ? -14.265 4.701   2.917   1.00 53.00 ? 27  CYS A CA  1 
ATOM   140 C  C   . CYS A 1 20 ? -14.635 3.698   3.984   1.00 53.00 ? 27  CYS A C   1 
ATOM   141 O  O   . CYS A 1 20 ? -13.959 3.610   5.011   1.00 53.43 ? 27  CYS A O   1 
ATOM   142 C  CB  . CYS A 1 20 ? -12.928 4.278   2.336   1.00 53.08 ? 27  CYS A CB  1 
ATOM   143 S  SG  . CYS A 1 20 ? -13.001 2.568   1.780   1.00 52.22 ? 27  CYS A SG  1 
ATOM   144 N  N   . SER A 1 21 ? -15.680 2.923   3.717   1.00 52.82 ? 28  SER A N   1 
ATOM   145 C  CA  . SER A 1 21 ? -16.229 1.996   4.703   1.00 52.73 ? 28  SER A CA  1 
ATOM   146 C  C   . SER A 1 21 ? -15.932 0.538   4.369   1.00 52.20 ? 28  SER A C   1 
ATOM   147 O  O   . SER A 1 21 ? -16.699 -0.359  4.716   1.00 52.15 ? 28  SER A O   1 
ATOM   148 C  CB  . SER A 1 21 ? -17.740 2.213   4.863   1.00 52.90 ? 28  SER A CB  1 
ATOM   149 O  OG  . SER A 1 21 ? -18.033 3.504   5.380   1.00 53.96 ? 28  SER A OG  1 
ATOM   150 N  N   . ARG A 1 22 ? -14.812 0.308   3.694   1.00 51.89 ? 29  ARG A N   1 
ATOM   151 C  CA  . ARG A 1 22 ? -14.387 -1.046  3.354   1.00 51.79 ? 29  ARG A CA  1 
ATOM   152 C  C   . ARG A 1 22 ? -13.208 -1.502  4.202   1.00 52.02 ? 29  ARG A C   1 
ATOM   153 O  O   . ARG A 1 22 ? -12.265 -0.734  4.419   1.00 52.17 ? 29  ARG A O   1 
ATOM   154 C  CB  . ARG A 1 22 ? -14.035 -1.140  1.875   1.00 51.69 ? 29  ARG A CB  1 
ATOM   155 C  CG  . ARG A 1 22 ? -15.244 -0.999  0.969   1.00 51.31 ? 29  ARG A CG  1 
ATOM   156 C  CD  . ARG A 1 22 ? -14.822 -0.780  -0.460  1.00 51.82 ? 29  ARG A CD  1 
ATOM   157 N  NE  . ARG A 1 22 ? -15.911 -1.074  -1.383  1.00 53.73 ? 29  ARG A NE  1 
ATOM   158 C  CZ  . ARG A 1 22 ? -16.248 -2.298  -1.788  1.00 54.56 ? 29  ARG A CZ  1 
ATOM   159 N  NH1 . ARG A 1 22 ? -15.586 -3.366  -1.351  1.00 55.12 ? 29  ARG A NH1 1 
ATOM   160 N  NH2 . ARG A 1 22 ? -17.265 -2.456  -2.625  1.00 54.20 ? 29  ARG A NH2 1 
ATOM   161 N  N   . PRO A 1 23 ? -13.263 -2.747  4.711   1.00 52.20 ? 30  PRO A N   1 
ATOM   162 C  CA  . PRO A 1 23 ? -12.061 -3.269  5.356   1.00 52.35 ? 30  PRO A CA  1 
ATOM   163 C  C   . PRO A 1 23 ? -10.840 -3.073  4.445   1.00 52.62 ? 30  PRO A C   1 
ATOM   164 O  O   . PRO A 1 23 ? -10.976 -3.100  3.216   1.00 52.69 ? 30  PRO A O   1 
ATOM   165 C  CB  . PRO A 1 23 ? -12.389 -4.753  5.542   1.00 52.22 ? 30  PRO A CB  1 
ATOM   166 C  CG  . PRO A 1 23 ? -13.879 -4.793  5.642   1.00 51.73 ? 30  PRO A CG  1 
ATOM   167 C  CD  . PRO A 1 23 ? -14.381 -3.711  4.746   1.00 52.05 ? 30  PRO A CD  1 
ATOM   168 N  N   . ASP A 1 24 ? -9.671  -2.833  5.031   1.00 52.97 ? 31  ASP A N   1 
ATOM   169 C  CA  . ASP A 1 24 ? -8.437  -2.719  4.250   1.00 53.32 ? 31  ASP A CA  1 
ATOM   170 C  C   . ASP A 1 24 ? -8.309  -3.919  3.343   1.00 53.74 ? 31  ASP A C   1 
ATOM   171 O  O   . ASP A 1 24 ? -7.829  -3.818  2.219   1.00 54.26 ? 31  ASP A O   1 
ATOM   172 C  CB  . ASP A 1 24 ? -7.214  -2.701  5.160   1.00 52.98 ? 31  ASP A CB  1 
ATOM   173 C  CG  . ASP A 1 24 ? -6.965  -1.356  5.745   1.00 51.84 ? 31  ASP A CG  1 
ATOM   174 O  OD1 . ASP A 1 24 ? -7.896  -0.537  5.748   1.00 49.72 ? 31  ASP A OD1 1 
ATOM   175 O  OD2 . ASP A 1 24 ? -5.829  -1.122  6.187   1.00 52.82 ? 31  ASP A OD2 1 
ATOM   176 N  N   . THR A 1 25 ? -8.767  -5.051  3.862   1.00 54.18 ? 32  THR A N   1 
ATOM   177 C  CA  . THR A 1 25 ? -8.594  -6.341  3.228   1.00 54.63 ? 32  THR A CA  1 
ATOM   178 C  C   . THR A 1 25 ? -9.672  -6.671  2.195   1.00 54.49 ? 32  THR A C   1 
ATOM   179 O  O   . THR A 1 25 ? -9.642  -7.744  1.605   1.00 54.85 ? 32  THR A O   1 
ATOM   180 C  CB  . THR A 1 25 ? -8.530  -7.445  4.300   1.00 54.61 ? 32  THR A CB  1 
ATOM   181 O  OG1 . THR A 1 25 ? -7.882  -8.596  3.750   1.00 55.73 ? 32  THR A OG1 1 
ATOM   182 C  CG2 . THR A 1 25 ? -9.944  -7.811  4.791   1.00 54.87 ? 32  THR A CG2 1 
ATOM   183 N  N   . GLU A 1 26 ? -10.621 -5.765  1.980   1.00 54.56 ? 33  GLU A N   1 
ATOM   184 C  CA  . GLU A 1 26 ? -11.603 -5.928  0.908   1.00 54.68 ? 33  GLU A CA  1 
ATOM   185 C  C   . GLU A 1 26 ? -11.743 -4.702  -0.009  1.00 54.30 ? 33  GLU A C   1 
ATOM   186 O  O   . GLU A 1 26 ? -12.513 -4.739  -0.961  1.00 55.04 ? 33  GLU A O   1 
ATOM   187 C  CB  . GLU A 1 26 ? -12.966 -6.374  1.452   1.00 54.86 ? 33  GLU A CB  1 
ATOM   188 C  CG  . GLU A 1 26 ? -13.099 -7.882  1.718   1.00 57.23 ? 33  GLU A CG  1 
ATOM   189 C  CD  . GLU A 1 26 ? -13.128 -8.748  0.441   1.00 60.62 ? 33  GLU A CD  1 
ATOM   190 O  OE1 . GLU A 1 26 ? -13.606 -8.256  -0.613  1.00 61.77 ? 33  GLU A OE1 1 
ATOM   191 O  OE2 . GLU A 1 26 ? -12.690 -9.929  0.495   1.00 60.10 ? 33  GLU A OE2 1 
ATOM   192 N  N   . CYS A 1 27 ? -11.006 -3.626  0.252   1.00 53.74 ? 34  CYS A N   1 
ATOM   193 C  CA  . CYS A 1 27 ? -10.973 -2.483  -0.661  1.00 53.03 ? 34  CYS A CA  1 
ATOM   194 C  C   . CYS A 1 27 ? -9.817  -2.635  -1.651  1.00 52.71 ? 34  CYS A C   1 
ATOM   195 O  O   . CYS A 1 27 ? -8.738  -3.136  -1.296  1.00 52.26 ? 34  CYS A O   1 
ATOM   196 C  CB  . CYS A 1 27 ? -10.834 -1.180  0.121   1.00 53.20 ? 34  CYS A CB  1 
ATOM   197 S  SG  . CYS A 1 27 ? -10.967 0.319   -0.885  1.00 54.12 ? 34  CYS A SG  1 
ATOM   198 N  N   . LYS A 1 28 ? -10.046 -2.208  -2.895  1.00 52.19 ? 35  LYS A N   1 
ATOM   199 C  CA  . LYS A 1 28 ? -9.070  -2.408  -3.976  1.00 51.56 ? 35  LYS A CA  1 
ATOM   200 C  C   . LYS A 1 28 ? -7.947  -1.370  -4.011  1.00 51.44 ? 35  LYS A C   1 
ATOM   201 O  O   . LYS A 1 28 ? -6.975  -1.511  -4.757  1.00 51.59 ? 35  LYS A O   1 
ATOM   202 C  CB  . LYS A 1 28 ? -9.758  -2.476  -5.335  1.00 51.25 ? 35  LYS A CB  1 
ATOM   203 C  CG  . LYS A 1 28 ? -10.514 -3.772  -5.588  1.00 51.72 ? 35  LYS A CG  1 
ATOM   204 C  CD  . LYS A 1 28 ? -9.626  -5.009  -5.535  1.00 51.32 ? 35  LYS A CD  1 
ATOM   205 C  CE  . LYS A 1 28 ? -10.462 -6.283  -5.354  1.00 51.50 ? 35  LYS A CE  1 
ATOM   206 N  NZ  . LYS A 1 28 ? -10.978 -6.511  -3.957  1.00 50.28 ? 35  LYS A NZ  1 
ATOM   207 N  N   . PHE A 1 29 ? -8.080  -0.330  -3.200  1.00 50.95 ? 36  PHE A N   1 
ATOM   208 C  CA  . PHE A 1 29 ? -7.043  0.664   -3.111  1.00 50.66 ? 36  PHE A CA  1 
ATOM   209 C  C   . PHE A 1 29 ? -6.392  0.671   -1.727  1.00 50.90 ? 36  PHE A C   1 
ATOM   210 O  O   . PHE A 1 29 ? -6.859  0.024   -0.790  1.00 50.82 ? 36  PHE A O   1 
ATOM   211 C  CB  . PHE A 1 29 ? -7.611  2.024   -3.490  1.00 50.57 ? 36  PHE A CB  1 
ATOM   212 C  CG  . PHE A 1 29 ? -8.270  2.038   -4.827  1.00 49.49 ? 36  PHE A CG  1 
ATOM   213 C  CD1 . PHE A 1 29 ? -7.516  2.138   -5.984  1.00 49.52 ? 36  PHE A CD1 1 
ATOM   214 C  CD2 . PHE A 1 29 ? -9.642  1.943   -4.934  1.00 49.27 ? 36  PHE A CD2 1 
ATOM   215 C  CE1 . PHE A 1 29 ? -8.122  2.139   -7.232  1.00 49.46 ? 36  PHE A CE1 1 
ATOM   216 C  CE2 . PHE A 1 29 ? -10.261 1.943   -6.181  1.00 50.69 ? 36  PHE A CE2 1 
ATOM   217 C  CZ  . PHE A 1 29 ? -9.500  2.036   -7.333  1.00 49.85 ? 36  PHE A CZ  1 
ATOM   218 N  N   . ALA A 1 30 ? -5.284  1.393   -1.627  1.00 51.17 ? 37  ALA A N   1 
ATOM   219 C  CA  . ALA A 1 30 ? -4.480  1.414   -0.420  1.00 51.26 ? 37  ALA A CA  1 
ATOM   220 C  C   . ALA A 1 30 ? -5.154  2.299   0.620   1.00 51.67 ? 37  ALA A C   1 
ATOM   221 O  O   . ALA A 1 30 ? -5.817  3.281   0.269   1.00 51.28 ? 37  ALA A O   1 
ATOM   222 C  CB  . ALA A 1 30 ? -3.077  1.912   -0.729  1.00 50.44 ? 37  ALA A CB  1 
ATOM   223 N  N   . HIS A 1 31 ? -5.007  1.912   1.890   1.00 52.44 ? 38  HIS A N   1 
ATOM   224 C  CA  . HIS A 1 31 ? -5.412  2.738   3.028   1.00 52.82 ? 38  HIS A CA  1 
ATOM   225 C  C   . HIS A 1 31 ? -4.178  2.984   3.894   1.00 53.73 ? 38  HIS A C   1 
ATOM   226 O  O   . HIS A 1 31 ? -3.750  2.110   4.647   1.00 53.97 ? 38  HIS A O   1 
ATOM   227 C  CB  . HIS A 1 31 ? -6.543  2.086   3.824   1.00 52.37 ? 38  HIS A CB  1 
ATOM   228 C  CG  . HIS A 1 31 ? -7.803  1.880   3.041   1.00 51.80 ? 38  HIS A CG  1 
ATOM   229 N  ND1 . HIS A 1 31 ? -8.776  0.981   3.424   1.00 51.23 ? 38  HIS A ND1 1 
ATOM   230 C  CD2 . HIS A 1 31 ? -8.249  2.449   1.894   1.00 51.83 ? 38  HIS A CD2 1 
ATOM   231 C  CE1 . HIS A 1 31 ? -9.768  1.011   2.552   1.00 51.21 ? 38  HIS A CE1 1 
ATOM   232 N  NE2 . HIS A 1 31 ? -9.472  1.890   1.610   1.00 52.02 ? 38  HIS A NE2 1 
ATOM   233 N  N   . PRO A 1 32 ? -3.565  4.171   3.757   1.00 54.52 ? 39  PRO A N   1 
ATOM   234 C  CA  . PRO A 1 32 ? -2.281  4.352   4.415   1.00 54.68 ? 39  PRO A CA  1 
ATOM   235 C  C   . PRO A 1 32 ? -2.472  4.593   5.894   1.00 55.01 ? 39  PRO A C   1 
ATOM   236 O  O   . PRO A 1 32 ? -3.316  5.405   6.281   1.00 54.92 ? 39  PRO A O   1 
ATOM   237 C  CB  . PRO A 1 32 ? -1.711  5.610   3.747   1.00 54.80 ? 39  PRO A CB  1 
ATOM   238 C  CG  . PRO A 1 32 ? -2.672  5.982   2.636   1.00 54.47 ? 39  PRO A CG  1 
ATOM   239 C  CD  . PRO A 1 32 ? -3.978  5.379   3.020   1.00 54.57 ? 39  PRO A CD  1 
ATOM   240 N  N   . SER A 1 33 ? -1.700  3.870   6.700   1.00 55.37 ? 40  SER A N   1 
ATOM   241 C  CA  . SER A 1 33 ? -1.582  4.166   8.109   1.00 55.83 ? 40  SER A CA  1 
ATOM   242 C  C   . SER A 1 33 ? -1.140  5.606   8.133   1.00 56.45 ? 40  SER A C   1 
ATOM   243 O  O   . SER A 1 33 ? -0.225  5.965   7.395   1.00 56.83 ? 40  SER A O   1 
ATOM   244 C  CB  . SER A 1 33 ? -0.485  3.315   8.717   1.00 55.79 ? 40  SER A CB  1 
ATOM   245 O  OG  . SER A 1 33 ? 0.761   3.847   8.318   1.00 55.51 ? 40  SER A OG  1 
ATOM   246 N  N   . LYS A 1 34 ? -1.782  6.422   8.963   1.00 57.05 ? 41  LYS A N   1 
ATOM   247 C  CA  . LYS A 1 34 ? -1.591  7.875   8.912   1.00 57.70 ? 41  LYS A CA  1 
ATOM   248 C  C   . LYS A 1 34 ? -0.196  8.342   9.356   1.00 57.37 ? 41  LYS A C   1 
ATOM   249 O  O   . LYS A 1 34 ? -0.035  9.025   10.374  1.00 57.58 ? 41  LYS A O   1 
ATOM   250 C  CB  . LYS A 1 34 ? -2.730  8.625   9.640   1.00 58.45 ? 41  LYS A CB  1 
ATOM   251 C  CG  . LYS A 1 34 ? -3.658  9.471   8.726   1.00 59.79 ? 41  LYS A CG  1 
ATOM   252 C  CD  . LYS A 1 34 ? -4.629  8.652   7.837   1.00 62.13 ? 41  LYS A CD  1 
ATOM   253 C  CE  . LYS A 1 34 ? -5.538  9.576   6.991   1.00 61.39 ? 41  LYS A CE  1 
ATOM   254 N  NZ  . LYS A 1 34 ? -6.786  8.915   6.489   1.00 61.51 ? 41  LYS A NZ  1 
ATOM   255 N  N   . SER A 1 35 ? 0.794   7.964   8.548   1.00 56.50 ? 42  SER A N   1 
ATOM   256 C  CA  . SER A 1 35 ? 2.192   8.316   8.719   1.00 55.92 ? 42  SER A CA  1 
ATOM   257 C  C   . SER A 1 35 ? 2.880   8.031   7.391   1.00 55.95 ? 42  SER A C   1 
ATOM   258 O  O   . SER A 1 35 ? 4.083   8.262   7.231   1.00 55.76 ? 42  SER A O   1 
ATOM   259 C  CB  . SER A 1 35 ? 2.838   7.460   9.807   1.00 55.95 ? 42  SER A CB  1 
ATOM   260 O  OG  . SER A 1 35 ? 3.461   6.314   9.257   1.00 54.27 ? 42  SER A OG  1 
ATOM   261 N  N   . CYS A 1 36 ? 2.090   7.520   6.452   1.00 55.63 ? 43  CYS A N   1 
ATOM   262 C  CA  . CYS A 1 36 ? 2.573   7.097   5.151   1.00 55.69 ? 43  CYS A CA  1 
ATOM   263 C  C   . CYS A 1 36 ? 2.913   8.250   4.213   1.00 55.34 ? 43  CYS A C   1 
ATOM   264 O  O   . CYS A 1 36 ? 2.228   9.274   4.185   1.00 55.77 ? 43  CYS A O   1 
ATOM   265 C  CB  . CYS A 1 36 ? 1.542   6.186   4.492   1.00 55.78 ? 43  CYS A CB  1 
ATOM   266 S  SG  . CYS A 1 36 ? 1.950   4.421   4.537   1.00 57.60 ? 43  CYS A SG  1 
ATOM   267 N  N   . GLN A 1 37 ? 3.982   8.064   3.445   1.00 54.75 ? 44  GLN A N   1 
ATOM   268 C  CA  . GLN A 1 37 ? 4.367   8.968   2.370   1.00 54.13 ? 44  GLN A CA  1 
ATOM   269 C  C   . GLN A 1 37 ? 3.462   8.686   1.161   1.00 53.67 ? 44  GLN A C   1 
ATOM   270 O  O   . GLN A 1 37 ? 3.576   7.644   0.505   1.00 53.54 ? 44  GLN A O   1 
ATOM   271 C  CB  . GLN A 1 37 ? 5.853   8.751   2.080   1.00 54.15 ? 44  GLN A CB  1 
ATOM   272 C  CG  . GLN A 1 37 ? 6.445   9.299   0.790   1.00 54.39 ? 44  GLN A CG  1 
ATOM   273 C  CD  . GLN A 1 37 ? 7.677   8.496   0.354   1.00 54.11 ? 44  GLN A CD  1 
ATOM   274 O  OE1 . GLN A 1 37 ? 7.566   7.487   -0.350  1.00 53.30 ? 44  GLN A OE1 1 
ATOM   275 N  NE2 . GLN A 1 37 ? 8.852   8.936   0.788   1.00 53.45 ? 44  GLN A NE2 1 
ATOM   276 N  N   . VAL A 1 38 ? 2.542   9.617   0.914   1.00 53.03 ? 45  VAL A N   1 
ATOM   277 C  CA  . VAL A 1 38 ? 1.547   9.533   -0.151  1.00 52.57 ? 45  VAL A CA  1 
ATOM   278 C  C   . VAL A 1 38 ? 1.859   10.644  -1.138  1.00 52.76 ? 45  VAL A C   1 
ATOM   279 O  O   . VAL A 1 38 ? 1.719   11.811  -0.784  1.00 52.45 ? 45  VAL A O   1 
ATOM   280 C  CB  . VAL A 1 38 ? 0.117   9.809   0.396   1.00 52.36 ? 45  VAL A CB  1 
ATOM   281 C  CG1 . VAL A 1 38 ? -0.916  9.743   -0.702  1.00 51.50 ? 45  VAL A CG1 1 
ATOM   282 C  CG2 . VAL A 1 38 ? -0.259  8.856   1.509   1.00 51.96 ? 45  VAL A CG2 1 
ATOM   283 N  N   . GLU A 1 39 ? 2.299   10.305  -2.352  1.00 53.09 ? 46  GLU A N   1 
ATOM   284 C  CA  . GLU A 1 39 ? 2.447   11.319  -3.406  1.00 53.35 ? 46  GLU A CA  1 
ATOM   285 C  C   . GLU A 1 39 ? 1.145   11.387  -4.177  1.00 52.88 ? 46  GLU A C   1 
ATOM   286 O  O   . GLU A 1 39 ? 0.789   10.455  -4.892  1.00 53.05 ? 46  GLU A O   1 
ATOM   287 C  CB  . GLU A 1 39 ? 3.611   11.053  -4.369  1.00 53.61 ? 46  GLU A CB  1 
ATOM   288 C  CG  . GLU A 1 39 ? 3.753   12.167  -5.435  1.00 54.37 ? 46  GLU A CG  1 
ATOM   289 C  CD  . GLU A 1 39 ? 4.681   11.831  -6.606  1.00 54.02 ? 46  GLU A CD  1 
ATOM   290 O  OE1 . GLU A 1 39 ? 5.893   11.617  -6.373  1.00 54.44 ? 46  GLU A OE1 1 
ATOM   291 O  OE2 . GLU A 1 39 ? 4.200   11.817  -7.765  1.00 54.45 ? 46  GLU A OE2 1 
ATOM   292 N  N   . ASN A 1 40 ? 0.459   12.511  -4.035  1.00 52.32 ? 47  ASN A N   1 
ATOM   293 C  CA  . ASN A 1 40 ? -0.946  12.599  -4.376  1.00 51.87 ? 47  ASN A CA  1 
ATOM   294 C  C   . ASN A 1 40 ? -1.498  11.469  -5.226  1.00 51.30 ? 47  ASN A C   1 
ATOM   295 O  O   . ASN A 1 40 ? -1.262  11.402  -6.430  1.00 51.29 ? 47  ASN A O   1 
ATOM   296 C  CB  . ASN A 1 40 ? -1.264  13.961  -4.968  1.00 52.01 ? 47  ASN A CB  1 
ATOM   297 C  CG  . ASN A 1 40 ? -1.697  14.940  -3.910  1.00 52.81 ? 47  ASN A CG  1 
ATOM   298 O  OD1 . ASN A 1 40 ? -2.872  15.302  -3.841  1.00 53.53 ? 47  ASN A OD1 1 
ATOM   299 N  ND2 . ASN A 1 40 ? -0.763  15.344  -3.049  1.00 53.23 ? 47  ASN A ND2 1 
ATOM   300 N  N   . GLY A 1 41 ? -2.229  10.579  -4.567  1.00 50.67 ? 48  GLY A N   1 
ATOM   301 C  CA  . GLY A 1 41 ? -2.845  9.433   -5.223  1.00 50.37 ? 48  GLY A CA  1 
ATOM   302 C  C   . GLY A 1 41 ? -2.038  8.161   -5.064  1.00 50.04 ? 48  GLY A C   1 
ATOM   303 O  O   . GLY A 1 41 ? -2.588  7.057   -5.046  1.00 49.92 ? 48  GLY A O   1 
ATOM   304 N  N   . ARG A 1 42 ? -0.724  8.320   -4.952  1.00 49.66 ? 49  ARG A N   1 
ATOM   305 C  CA  . ARG A 1 42 ? 0.176   7.182   -4.889  1.00 49.17 ? 49  ARG A CA  1 
ATOM   306 C  C   . ARG A 1 42 ? 0.979   7.131   -3.592  1.00 48.66 ? 49  ARG A C   1 
ATOM   307 O  O   . ARG A 1 42 ? 1.654   8.093   -3.217  1.00 48.49 ? 49  ARG A O   1 
ATOM   308 C  CB  . ARG A 1 42 ? 1.097   7.163   -6.121  1.00 49.52 ? 49  ARG A CB  1 
ATOM   309 C  CG  . ARG A 1 42 ? 0.739   6.132   -7.191  1.00 49.76 ? 49  ARG A CG  1 
ATOM   310 C  CD  . ARG A 1 42 ? -0.680  6.319   -7.712  1.00 51.10 ? 49  ARG A CD  1 
ATOM   311 N  NE  . ARG A 1 42 ? -1.230  5.112   -8.331  1.00 50.51 ? 49  ARG A NE  1 
ATOM   312 C  CZ  . ARG A 1 42 ? -1.263  4.884   -9.639  1.00 49.28 ? 49  ARG A CZ  1 
ATOM   313 N  NH1 . ARG A 1 42 ? -0.775  5.776   -10.488 1.00 47.66 ? 49  ARG A NH1 1 
ATOM   314 N  NH2 . ARG A 1 42 ? -1.783  3.753   -10.100 1.00 49.63 ? 49  ARG A NH2 1 
ATOM   315 N  N   . VAL A 1 43 ? 0.853   6.005   -2.900  1.00 48.10 ? 50  VAL A N   1 
ATOM   316 C  CA  . VAL A 1 43 ? 1.764   5.617   -1.839  1.00 47.89 ? 50  VAL A CA  1 
ATOM   317 C  C   . VAL A 1 43 ? 2.746   4.635   -2.450  1.00 47.88 ? 50  VAL A C   1 
ATOM   318 O  O   . VAL A 1 43 ? 2.458   4.008   -3.463  1.00 47.78 ? 50  VAL A O   1 
ATOM   319 C  CB  . VAL A 1 43 ? 1.064   4.912   -0.639  1.00 47.75 ? 50  VAL A CB  1 
ATOM   320 C  CG1 . VAL A 1 43 ? 0.178   5.861   0.111   1.00 47.57 ? 50  VAL A CG1 1 
ATOM   321 C  CG2 . VAL A 1 43 ? 0.265   3.701   -1.081  1.00 47.70 ? 50  VAL A CG2 1 
ATOM   322 N  N   . ILE A 1 44 ? 3.908   4.494   -1.830  1.00 48.11 ? 51  ILE A N   1 
ATOM   323 C  CA  . ILE A 1 44 ? 4.887   3.529   -2.291  1.00 48.07 ? 51  ILE A CA  1 
ATOM   324 C  C   . ILE A 1 44 ? 4.873   2.416   -1.260  1.00 47.61 ? 51  ILE A C   1 
ATOM   325 O  O   . ILE A 1 44 ? 4.979   2.694   -0.067  1.00 47.34 ? 51  ILE A O   1 
ATOM   326 C  CB  . ILE A 1 44 ? 6.291   4.157   -2.404  1.00 48.17 ? 51  ILE A CB  1 
ATOM   327 C  CG1 . ILE A 1 44 ? 6.334   5.198   -3.528  1.00 49.27 ? 51  ILE A CG1 1 
ATOM   328 C  CG2 . ILE A 1 44 ? 7.335   3.097   -2.672  1.00 48.63 ? 51  ILE A CG2 1 
ATOM   329 C  CD1 . ILE A 1 44 ? 6.054   6.641   -3.081  1.00 50.97 ? 51  ILE A CD1 1 
ATOM   330 N  N   . ALA A 1 45 ? 4.711   1.176   -1.727  1.00 47.36 ? 52  ALA A N   1 
ATOM   331 C  CA  . ALA A 1 45 ? 4.672   -0.008  -0.860  1.00 47.08 ? 52  ALA A CA  1 
ATOM   332 C  C   . ALA A 1 45 ? 6.041   -0.404  -0.298  1.00 47.26 ? 52  ALA A C   1 
ATOM   333 O  O   . ALA A 1 45 ? 7.084   -0.100  -0.877  1.00 46.69 ? 52  ALA A O   1 
ATOM   334 C  CB  . ALA A 1 45 ? 4.050   -1.166  -1.571  1.00 46.66 ? 52  ALA A CB  1 
ATOM   335 N  N   . CYS A 1 46 ? 6.019   -1.078  0.847   1.00 47.75 ? 53  CYS A N   1 
ATOM   336 C  CA  . CYS A 1 46 ? 7.234   -1.374  1.567   1.00 47.99 ? 53  CYS A CA  1 
ATOM   337 C  C   . CYS A 1 46 ? 7.886   -2.635  1.029   1.00 48.25 ? 53  CYS A C   1 
ATOM   338 O  O   . CYS A 1 46 ? 7.469   -3.756  1.333   1.00 48.43 ? 53  CYS A O   1 
ATOM   339 C  CB  . CYS A 1 46 ? 6.986   -1.461  3.070   1.00 48.18 ? 53  CYS A CB  1 
ATOM   340 S  SG  . CYS A 1 46 ? 8.510   -1.278  4.010   1.00 48.59 ? 53  CYS A SG  1 
ATOM   341 N  N   . PHE A 1 47 ? 8.919   -2.406  0.225   1.00 48.44 ? 54  PHE A N   1 
ATOM   342 C  CA  . PHE A 1 47 ? 9.686   -3.438  -0.447  1.00 48.48 ? 54  PHE A CA  1 
ATOM   343 C  C   . PHE A 1 47 ? 9.997   -4.560  0.531   1.00 48.68 ? 54  PHE A C   1 
ATOM   344 O  O   . PHE A 1 47 ? 9.767   -5.739  0.261   1.00 48.78 ? 54  PHE A O   1 
ATOM   345 C  CB  . PHE A 1 47 ? 10.993  -2.822  -0.952  1.00 48.42 ? 54  PHE A CB  1 
ATOM   346 C  CG  . PHE A 1 47 ? 11.452  -3.350  -2.282  1.00 48.55 ? 54  PHE A CG  1 
ATOM   347 C  CD1 . PHE A 1 47 ? 11.330  -4.700  -2.599  1.00 48.68 ? 54  PHE A CD1 1 
ATOM   348 C  CD2 . PHE A 1 47 ? 12.030  -2.494  -3.210  1.00 48.78 ? 54  PHE A CD2 1 
ATOM   349 C  CE1 . PHE A 1 47 ? 11.761  -5.191  -3.823  1.00 48.71 ? 54  PHE A CE1 1 
ATOM   350 C  CE2 . PHE A 1 47 ? 12.464  -2.971  -4.440  1.00 49.53 ? 54  PHE A CE2 1 
ATOM   351 C  CZ  . PHE A 1 47 ? 12.327  -4.323  -4.747  1.00 49.10 ? 54  PHE A CZ  1 
ATOM   352 N  N   . ASP A 1 48 ? 10.503  -4.153  1.686   1.00 48.82 ? 55  ASP A N   1 
ATOM   353 C  CA  . ASP A 1 48 ? 10.996  -5.066  2.698   1.00 49.02 ? 55  ASP A CA  1 
ATOM   354 C  C   . ASP A 1 48 ? 9.860   -5.658  3.527   1.00 49.08 ? 55  ASP A C   1 
ATOM   355 O  O   . ASP A 1 48 ? 10.042  -6.668  4.185   1.00 49.06 ? 55  ASP A O   1 
ATOM   356 C  CB  . ASP A 1 48 ? 12.001  -4.334  3.600   1.00 49.06 ? 55  ASP A CB  1 
ATOM   357 C  CG  . ASP A 1 48 ? 12.830  -3.291  2.843   1.00 49.11 ? 55  ASP A CG  1 
ATOM   358 O  OD1 . ASP A 1 48 ? 13.769  -3.681  2.105   1.00 49.50 ? 55  ASP A OD1 1 
ATOM   359 O  OD2 . ASP A 1 48 ? 12.547  -2.078  2.995   1.00 48.65 ? 55  ASP A OD2 1 
ATOM   360 N  N   . SER A 1 49 ? 8.688   -5.039  3.507   1.00 49.37 ? 56  SER A N   1 
ATOM   361 C  CA  . SER A 1 49 ? 7.573   -5.566  4.270   1.00 49.84 ? 56  SER A CA  1 
ATOM   362 C  C   . SER A 1 49 ? 6.969   -6.711  3.505   1.00 50.50 ? 56  SER A C   1 
ATOM   363 O  O   . SER A 1 49 ? 6.305   -7.570  4.072   1.00 50.87 ? 56  SER A O   1 
ATOM   364 C  CB  . SER A 1 49 ? 6.489   -4.519  4.432   1.00 49.96 ? 56  SER A CB  1 
ATOM   365 O  OG  . SER A 1 49 ? 5.647   -4.519  3.294   1.00 49.78 ? 56  SER A OG  1 
ATOM   366 N  N   . LEU A 1 50 ? 7.163   -6.695  2.196   1.00 51.14 ? 57  LEU A N   1 
ATOM   367 C  CA  . LEU A 1 50 ? 6.543   -7.697  1.355   1.00 51.84 ? 57  LEU A CA  1 
ATOM   368 C  C   . LEU A 1 50 ? 7.058   -9.084  1.754   1.00 52.37 ? 57  LEU A C   1 
ATOM   369 O  O   . LEU A 1 50 ? 6.285   -9.980  2.122   1.00 52.58 ? 57  LEU A O   1 
ATOM   370 C  CB  . LEU A 1 50 ? 6.800   -7.374  -0.116  1.00 51.82 ? 57  LEU A CB  1 
ATOM   371 C  CG  . LEU A 1 50 ? 6.335   -6.014  -0.652  1.00 51.37 ? 57  LEU A CG  1 
ATOM   372 C  CD1 . LEU A 1 50 ? 6.210   -6.131  -2.159  1.00 51.91 ? 57  LEU A CD1 1 
ATOM   373 C  CD2 . LEU A 1 50 ? 5.018   -5.544  -0.063  1.00 50.51 ? 57  LEU A CD2 1 
ATOM   374 N  N   . LYS A 1 51 ? 8.377   -9.237  1.719   1.00 52.72 ? 58  LYS A N   1 
ATOM   375 C  CA  . LYS A 1 51 ? 9.029   -10.405 2.284   1.00 52.96 ? 58  LYS A CA  1 
ATOM   376 C  C   . LYS A 1 51 ? 8.798   -10.492 3.805   1.00 53.14 ? 58  LYS A C   1 
ATOM   377 O  O   . LYS A 1 51 ? 9.505   -11.213 4.508   1.00 52.97 ? 58  LYS A O   1 
ATOM   378 C  CB  . LYS A 1 51 ? 10.527  -10.347 1.972   1.00 52.98 ? 58  LYS A CB  1 
ATOM   379 C  CG  . LYS A 1 51 ? 10.914  -10.679 0.532   1.00 53.43 ? 58  LYS A CG  1 
ATOM   380 C  CD  . LYS A 1 51 ? 10.799  -9.478  -0.391  1.00 54.18 ? 58  LYS A CD  1 
ATOM   381 C  CE  . LYS A 1 51 ? 11.769  -8.378  0.004   1.00 54.71 ? 58  LYS A CE  1 
ATOM   382 N  NZ  . LYS A 1 51 ? 11.513  -7.110  -0.736  1.00 55.50 ? 58  LYS A NZ  1 
ATOM   383 N  N   . GLY A 1 52 ? 7.811   -9.751  4.313   1.00 53.35 ? 59  GLY A N   1 
ATOM   384 C  CA  . GLY A 1 52 ? 7.547   -9.660  5.756   1.00 53.20 ? 59  GLY A CA  1 
ATOM   385 C  C   . GLY A 1 52 ? 8.737   -9.179  6.568   1.00 53.06 ? 59  GLY A C   1 
ATOM   386 O  O   . GLY A 1 52 ? 8.716   -9.227  7.797   1.00 53.33 ? 59  GLY A O   1 
ATOM   387 N  N   . ARG A 1 53 ? 9.763   -8.698  5.867   1.00 52.90 ? 60  ARG A N   1 
ATOM   388 C  CA  . ARG A 1 53 ? 11.064  -8.353  6.446   1.00 52.32 ? 60  ARG A CA  1 
ATOM   389 C  C   . ARG A 1 53 ? 11.222  -6.894  6.862   1.00 52.13 ? 60  ARG A C   1 
ATOM   390 O  O   . ARG A 1 53 ? 12.344  -6.437  7.053   1.00 52.18 ? 60  ARG A O   1 
ATOM   391 C  CB  . ARG A 1 53 ? 12.177  -8.687  5.449   1.00 52.13 ? 60  ARG A CB  1 
ATOM   392 C  CG  . ARG A 1 53 ? 12.259  -10.150 5.055   1.00 51.49 ? 60  ARG A CG  1 
ATOM   393 C  CD  . ARG A 1 53 ? 13.057  -10.961 6.060   1.00 49.04 ? 60  ARG A CD  1 
ATOM   394 N  NE  . ARG A 1 53 ? 14.402  -11.241 5.580   1.00 46.32 ? 60  ARG A NE  1 
ATOM   395 C  CZ  . ARG A 1 53 ? 15.411  -11.607 6.360   1.00 44.07 ? 60  ARG A CZ  1 
ATOM   396 N  NH1 . ARG A 1 53 ? 15.231  -11.716 7.667   1.00 42.46 ? 60  ARG A NH1 1 
ATOM   397 N  NH2 . ARG A 1 53 ? 16.596  -11.850 5.821   1.00 42.88 ? 60  ARG A NH2 1 
ATOM   398 N  N   . CYS A 1 54 ? 10.122  -6.153  6.967   1.00 52.10 ? 61  CYS A N   1 
ATOM   399 C  CA  . CYS A 1 54 ? 10.177  -4.814  7.567   1.00 52.17 ? 61  CYS A CA  1 
ATOM   400 C  C   . CYS A 1 54 ? 10.129  -4.887  9.097   1.00 52.25 ? 61  CYS A C   1 
ATOM   401 O  O   . CYS A 1 54 ? 9.614   -5.860  9.671   1.00 52.90 ? 61  CYS A O   1 
ATOM   402 C  CB  . CYS A 1 54 ? 9.079   -3.884  7.051   1.00 52.24 ? 61  CYS A CB  1 
ATOM   403 S  SG  . CYS A 1 54 ? 9.309   -2.177  7.581   1.00 51.87 ? 61  CYS A SG  1 
ATOM   404 N  N   . SER A 1 55 ? 10.683  -3.860  9.743   1.00 51.43 ? 62  SER A N   1 
ATOM   405 C  CA  . SER A 1 55 ? 10.902  -3.863  11.183  1.00 50.26 ? 62  SER A CA  1 
ATOM   406 C  C   . SER A 1 55 ? 10.729  -2.457  11.745  1.00 49.69 ? 62  SER A C   1 
ATOM   407 O  O   . SER A 1 55 ? 11.077  -2.192  12.893  1.00 49.65 ? 62  SER A O   1 
ATOM   408 C  CB  . SER A 1 55 ? 12.294  -4.422  11.497  1.00 50.35 ? 62  SER A CB  1 
ATOM   409 O  OG  . SER A 1 55 ? 12.467  -5.718  10.940  1.00 49.94 ? 62  SER A OG  1 
ATOM   410 N  N   . ARG A 1 56 ? 10.186  -1.565  10.920  1.00 49.06 ? 63  ARG A N   1 
ATOM   411 C  CA  . ARG A 1 56 ? 9.869   -0.203  11.316  1.00 48.56 ? 63  ARG A CA  1 
ATOM   412 C  C   . ARG A 1 56 ? 8.534   -0.191  12.039  1.00 48.48 ? 63  ARG A C   1 
ATOM   413 O  O   . ARG A 1 56 ? 7.603   -0.881  11.625  1.00 48.67 ? 63  ARG A O   1 
ATOM   414 C  CB  . ARG A 1 56 ? 9.794   0.716   10.099  1.00 48.36 ? 63  ARG A CB  1 
ATOM   415 C  CG  . ARG A 1 56 ? 11.128  0.960   9.421   1.00 49.18 ? 63  ARG A CG  1 
ATOM   416 C  CD  . ARG A 1 56 ? 11.304  2.391   8.937   1.00 50.89 ? 63  ARG A CD  1 
ATOM   417 N  NE  . ARG A 1 56 ? 10.261  2.846   8.012   1.00 53.60 ? 63  ARG A NE  1 
ATOM   418 C  CZ  . ARG A 1 56 ? 10.324  2.776   6.679   1.00 54.18 ? 63  ARG A CZ  1 
ATOM   419 N  NH1 . ARG A 1 56 ? 11.388  2.250   6.073   1.00 54.74 ? 63  ARG A NH1 1 
ATOM   420 N  NH2 . ARG A 1 56 ? 9.313   3.235   5.944   1.00 52.11 ? 63  ARG A NH2 1 
ATOM   421 N  N   . GLU A 1 57 ? 8.440   0.591   13.112  1.00 48.19 ? 64  GLU A N   1 
ATOM   422 C  CA  . GLU A 1 57 ? 7.210   0.705   13.884  1.00 47.97 ? 64  GLU A CA  1 
ATOM   423 C  C   . GLU A 1 57 ? 6.169   1.534   13.119  1.00 47.76 ? 64  GLU A C   1 
ATOM   424 O  O   . GLU A 1 57 ? 5.133   1.005   12.721  1.00 47.70 ? 64  GLU A O   1 
ATOM   425 C  CB  . GLU A 1 57 ? 7.532   1.266   15.267  1.00 48.17 ? 64  GLU A CB  1 
ATOM   426 C  CG  . GLU A 1 57 ? 7.844   0.223   16.364  1.00 49.58 ? 64  GLU A CG  1 
ATOM   427 C  CD  . GLU A 1 57 ? 9.137   -0.580  16.177  1.00 52.01 ? 64  GLU A CD  1 
ATOM   428 O  OE1 . GLU A 1 57 ? 9.122   -1.573  15.415  1.00 53.99 ? 64  GLU A OE1 1 
ATOM   429 O  OE2 . GLU A 1 57 ? 10.159  -0.281  16.842  1.00 52.06 ? 64  GLU A OE2 1 
ATOM   430 N  N   . ASN A 1 58 ? 6.462   2.818   12.890  1.00 47.87 ? 65  ASN A N   1 
ATOM   431 C  CA  . ASN A 1 58 ? 5.730   3.683   11.945  1.00 47.43 ? 65  ASN A CA  1 
ATOM   432 C  C   . ASN A 1 58 ? 6.464   3.762   10.607  1.00 47.68 ? 65  ASN A C   1 
ATOM   433 O  O   . ASN A 1 58 ? 7.434   4.514   10.489  1.00 47.55 ? 65  ASN A O   1 
ATOM   434 C  CB  . ASN A 1 58 ? 5.625   5.130   12.455  1.00 47.19 ? 65  ASN A CB  1 
ATOM   435 C  CG  . ASN A 1 58 ? 4.650   5.309   13.610  1.00 47.25 ? 65  ASN A CG  1 
ATOM   436 O  OD1 . ASN A 1 58 ? 3.933   4.384   14.009  1.00 48.21 ? 65  ASN A OD1 1 
ATOM   437 N  ND2 . ASN A 1 58 ? 4.617   6.523   14.153  1.00 44.67 ? 65  ASN A ND2 1 
ATOM   438 N  N   . CYS A 1 59 ? 6.012   3.014   9.603   1.00 48.26 ? 66  CYS A N   1 
ATOM   439 C  CA  . CYS A 1 59 ? 6.660   3.021   8.285   1.00 48.60 ? 66  CYS A CA  1 
ATOM   440 C  C   . CYS A 1 59 ? 6.320   4.233   7.405   1.00 48.95 ? 66  CYS A C   1 
ATOM   441 O  O   . CYS A 1 59 ? 5.322   4.910   7.629   1.00 48.93 ? 66  CYS A O   1 
ATOM   442 C  CB  . CYS A 1 59 ? 6.350   1.733   7.530   1.00 48.56 ? 66  CYS A CB  1 
ATOM   443 S  SG  . CYS A 1 59 ? 7.424   1.503   6.111   1.00 48.44 ? 66  CYS A SG  1 
ATOM   444 N  N   . LYS A 1 60 ? 7.165   4.509   6.414   1.00 49.65 ? 67  LYS A N   1 
ATOM   445 C  CA  . LYS A 1 60 ? 6.890   5.560   5.436   1.00 50.25 ? 67  LYS A CA  1 
ATOM   446 C  C   . LYS A 1 60 ? 6.374   4.957   4.133   1.00 50.63 ? 67  LYS A C   1 
ATOM   447 O  O   . LYS A 1 60 ? 5.740   5.637   3.325   1.00 50.89 ? 67  LYS A O   1 
ATOM   448 C  CB  . LYS A 1 60 ? 8.131   6.406   5.174   1.00 50.21 ? 67  LYS A CB  1 
ATOM   449 C  CG  . LYS A 1 60 ? 7.805   7.704   4.462   1.00 51.07 ? 67  LYS A CG  1 
ATOM   450 C  CD  . LYS A 1 60 ? 8.646   8.874   4.959   1.00 52.76 ? 67  LYS A CD  1 
ATOM   451 C  CE  . LYS A 1 60 ? 7.782   10.126  5.095   1.00 52.87 ? 67  LYS A CE  1 
ATOM   452 N  NZ  . LYS A 1 60 ? 8.564   11.257  5.662   1.00 54.36 ? 67  LYS A NZ  1 
ATOM   453 N  N   . TYR A 1 61 ? 6.662   3.674   3.941   1.00 50.89 ? 68  TYR A N   1 
ATOM   454 C  CA  . TYR A 1 61 ? 6.147   2.924   2.813   1.00 50.78 ? 68  TYR A CA  1 
ATOM   455 C  C   . TYR A 1 61 ? 5.204   1.864   3.343   1.00 51.14 ? 68  TYR A C   1 
ATOM   456 O  O   . TYR A 1 61 ? 5.636   0.916   4.002   1.00 51.90 ? 68  TYR A O   1 
ATOM   457 C  CB  . TYR A 1 61 ? 7.275   2.246   2.043   1.00 50.65 ? 68  TYR A CB  1 
ATOM   458 C  CG  . TYR A 1 61 ? 8.484   3.106   1.849   1.00 49.45 ? 68  TYR A CG  1 
ATOM   459 C  CD1 . TYR A 1 61 ? 8.468   4.159   0.945   1.00 48.98 ? 68  TYR A CD1 1 
ATOM   460 C  CD2 . TYR A 1 61 ? 9.646   2.862   2.575   1.00 48.45 ? 68  TYR A CD2 1 
ATOM   461 C  CE1 . TYR A 1 61 ? 9.584   4.960   0.770   1.00 50.18 ? 68  TYR A CE1 1 
ATOM   462 C  CE2 . TYR A 1 61 ? 10.763  3.649   2.417   1.00 48.84 ? 68  TYR A CE2 1 
ATOM   463 C  CZ  . TYR A 1 61 ? 10.730  4.697   1.512   1.00 50.06 ? 68  TYR A CZ  1 
ATOM   464 O  OH  . TYR A 1 61 ? 11.849  5.479   1.342   1.00 50.80 ? 68  TYR A OH  1 
ATOM   465 N  N   . LEU A 1 62 ? 3.923   2.068   3.061   1.00 50.97 ? 69  LEU A N   1 
ATOM   466 C  CA  . LEU A 1 62 ? 2.814   1.150   3.329   1.00 50.44 ? 69  LEU A CA  1 
ATOM   467 C  C   . LEU A 1 62 ? 3.130   -0.362  3.395   1.00 50.18 ? 69  LEU A C   1 
ATOM   468 O  O   . LEU A 1 62 ? 3.861   -0.915  2.573   1.00 49.70 ? 69  LEU A O   1 
ATOM   469 C  CB  . LEU A 1 62 ? 1.746   1.415   2.257   1.00 50.41 ? 69  LEU A CB  1 
ATOM   470 C  CG  . LEU A 1 62 ? 0.384   0.726   2.273   1.00 49.54 ? 69  LEU A CG  1 
ATOM   471 C  CD1 . LEU A 1 62 ? -0.643  1.646   2.896   1.00 47.66 ? 69  LEU A CD1 1 
ATOM   472 C  CD2 . LEU A 1 62 ? 0.021   0.377   0.852   1.00 47.47 ? 69  LEU A CD2 1 
ATOM   473 N  N   . HIS A 1 63 ? 2.552   -1.012  4.399   1.00 50.00 ? 70  HIS A N   1 
ATOM   474 C  CA  . HIS A 1 63 ? 2.578   -2.462  4.558   1.00 49.41 ? 70  HIS A CA  1 
ATOM   475 C  C   . HIS A 1 63 ? 1.210   -2.985  4.110   1.00 48.88 ? 70  HIS A C   1 
ATOM   476 O  O   . HIS A 1 63 ? 0.236   -2.888  4.853   1.00 48.94 ? 70  HIS A O   1 
ATOM   477 C  CB  . HIS A 1 63 ? 2.850   -2.791  6.026   1.00 49.14 ? 70  HIS A CB  1 
ATOM   478 C  CG  . HIS A 1 63 ? 4.198   -2.353  6.502   1.00 49.24 ? 70  HIS A CG  1 
ATOM   479 N  ND1 . HIS A 1 63 ? 4.754   -2.804  7.679   1.00 50.21 ? 70  HIS A ND1 1 
ATOM   480 C  CD2 . HIS A 1 63 ? 5.117   -1.526  5.948   1.00 50.48 ? 70  HIS A CD2 1 
ATOM   481 C  CE1 . HIS A 1 63 ? 5.951   -2.266  7.838   1.00 50.20 ? 70  HIS A CE1 1 
ATOM   482 N  NE2 . HIS A 1 63 ? 6.198   -1.487  6.799   1.00 51.89 ? 70  HIS A NE2 1 
ATOM   483 N  N   . PRO A 1 64 ? 1.117   -3.510  2.875   1.00 48.38 ? 71  PRO A N   1 
ATOM   484 C  CA  . PRO A 1 64 ? -0.191  -3.781  2.263   1.00 47.82 ? 71  PRO A CA  1 
ATOM   485 C  C   . PRO A 1 64 ? -0.914  -4.959  2.908   1.00 47.80 ? 71  PRO A C   1 
ATOM   486 O  O   . PRO A 1 64 ? -0.254  -5.775  3.551   1.00 48.20 ? 71  PRO A O   1 
ATOM   487 C  CB  . PRO A 1 64 ? 0.172   -4.131  0.815   1.00 47.81 ? 71  PRO A CB  1 
ATOM   488 C  CG  . PRO A 1 64 ? 1.600   -3.766  0.642   1.00 47.51 ? 71  PRO A CG  1 
ATOM   489 C  CD  . PRO A 1 64 ? 2.226   -3.880  1.979   1.00 47.82 ? 71  PRO A CD  1 
ATOM   490 N  N   . PRO A 1 65 ? -2.258  -5.057  2.761   1.00 47.59 ? 72  PRO A N   1 
ATOM   491 C  CA  . PRO A 1 65 ? -2.930  -6.291  3.145   1.00 47.03 ? 72  PRO A CA  1 
ATOM   492 C  C   . PRO A 1 65 ? -2.660  -7.337  2.083   1.00 47.14 ? 72  PRO A C   1 
ATOM   493 O  O   . PRO A 1 65 ? -2.213  -6.969  0.990   1.00 47.27 ? 72  PRO A O   1 
ATOM   494 C  CB  . PRO A 1 65 ? -4.404  -5.899  3.117   1.00 46.72 ? 72  PRO A CB  1 
ATOM   495 C  CG  . PRO A 1 65 ? -4.488  -4.868  2.118   1.00 46.60 ? 72  PRO A CG  1 
ATOM   496 C  CD  . PRO A 1 65 ? -3.236  -4.061  2.285   1.00 47.62 ? 72  PRO A CD  1 
ATOM   497 N  N   . PRO A 1 66 ? -2.936  -8.624  2.385   1.00 47.13 ? 73  PRO A N   1 
ATOM   498 C  CA  . PRO A 1 66 ? -2.674  -9.733  1.471   1.00 46.78 ? 73  PRO A CA  1 
ATOM   499 C  C   . PRO A 1 66 ? -2.953  -9.422  0.002   1.00 46.75 ? 73  PRO A C   1 
ATOM   500 O  O   . PRO A 1 66 ? -2.015  -9.370  -0.785  1.00 47.37 ? 73  PRO A O   1 
ATOM   501 C  CB  . PRO A 1 66 ? -3.613  -10.845 1.973   1.00 46.65 ? 73  PRO A CB  1 
ATOM   502 C  CG  . PRO A 1 66 ? -4.366  -10.278 3.124   1.00 47.00 ? 73  PRO A CG  1 
ATOM   503 C  CD  . PRO A 1 66 ? -3.539  -9.125  3.630   1.00 47.13 ? 73  PRO A CD  1 
ATOM   504 N  N   . HIS A 1 67 ? -4.208  -9.194  -0.377  1.00 46.43 ? 74  HIS A N   1 
ATOM   505 C  CA  . HIS A 1 67 ? -4.536  -9.116  -1.792  1.00 46.05 ? 74  HIS A CA  1 
ATOM   506 C  C   . HIS A 1 67 ? -3.674  -8.107  -2.543  1.00 46.15 ? 74  HIS A C   1 
ATOM   507 O  O   . HIS A 1 67 ? -3.195  -8.385  -3.646  1.00 46.60 ? 74  HIS A O   1 
ATOM   508 C  CB  . HIS A 1 67 ? -6.033  -8.895  -2.019  1.00 45.98 ? 74  HIS A CB  1 
ATOM   509 C  CG  . HIS A 1 67 ? -6.523  -7.523  -1.674  1.00 46.10 ? 74  HIS A CG  1 
ATOM   510 N  ND1 . HIS A 1 67 ? -6.597  -7.061  -0.377  1.00 47.15 ? 74  HIS A ND1 1 
ATOM   511 C  CD2 . HIS A 1 67 ? -7.004  -6.530  -2.457  1.00 45.23 ? 74  HIS A CD2 1 
ATOM   512 C  CE1 . HIS A 1 67 ? -7.084  -5.832  -0.378  1.00 46.77 ? 74  HIS A CE1 1 
ATOM   513 N  NE2 . HIS A 1 67 ? -7.348  -5.488  -1.627  1.00 46.03 ? 74  HIS A NE2 1 
ATOM   514 N  N   . LEU A 1 68 ? -3.439  -6.952  -1.934  1.00 46.00 ? 75  LEU A N   1 
ATOM   515 C  CA  . LEU A 1 68 ? -2.623  -5.937  -2.582  1.00 45.89 ? 75  LEU A CA  1 
ATOM   516 C  C   . LEU A 1 68 ? -1.171  -6.376  -2.648  1.00 46.03 ? 75  LEU A C   1 
ATOM   517 O  O   . LEU A 1 68 ? -0.459  -5.982  -3.568  1.00 46.29 ? 75  LEU A O   1 
ATOM   518 C  CB  . LEU A 1 68 ? -2.774  -4.561  -1.924  1.00 45.81 ? 75  LEU A CB  1 
ATOM   519 C  CG  . LEU A 1 68 ? -4.131  -3.824  -1.918  1.00 45.88 ? 75  LEU A CG  1 
ATOM   520 C  CD1 . LEU A 1 68 ? -3.934  -2.320  -1.737  1.00 47.31 ? 75  LEU A CD1 1 
ATOM   521 C  CD2 . LEU A 1 68 ? -4.975  -4.041  -3.150  1.00 46.14 ? 75  LEU A CD2 1 
ATOM   522 N  N   . LYS A 1 69 ? -0.748  -7.211  -1.699  1.00 46.13 ? 76  LYS A N   1 
ATOM   523 C  CA  . LYS A 1 69 ? 0.579   -7.834  -1.739  1.00 45.99 ? 76  LYS A CA  1 
ATOM   524 C  C   . LYS A 1 69 ? 0.768   -8.801  -2.899  1.00 46.19 ? 76  LYS A C   1 
ATOM   525 O  O   . LYS A 1 69 ? 1.855   -8.839  -3.482  1.00 46.87 ? 76  LYS A O   1 
ATOM   526 C  CB  . LYS A 1 69 ? 0.931   -8.546  -0.432  1.00 45.76 ? 76  LYS A CB  1 
ATOM   527 C  CG  . LYS A 1 69 ? 1.774   -7.703  0.504   1.00 46.24 ? 76  LYS A CG  1 
ATOM   528 C  CD  . LYS A 1 69 ? 2.275   -8.494  1.691   1.00 45.87 ? 76  LYS A CD  1 
ATOM   529 C  CE  . LYS A 1 69 ? 2.723   -7.542  2.785   1.00 46.37 ? 76  LYS A CE  1 
ATOM   530 N  NZ  . LYS A 1 69 ? 2.828   -8.218  4.113   1.00 46.95 ? 76  LYS A NZ  1 
ATOM   531 N  N   . THR A 1 70 ? -0.244  -9.593  -3.249  1.00 45.82 ? 77  THR A N   1 
ATOM   532 C  CA  . THR A 1 70 ? -0.030  -10.535 -4.355  1.00 45.65 ? 77  THR A CA  1 
ATOM   533 C  C   . THR A 1 70 ? -0.120  -9.791  -5.675  1.00 45.14 ? 77  THR A C   1 
ATOM   534 O  O   . THR A 1 70 ? 0.561   -10.123 -6.646  1.00 44.88 ? 77  THR A O   1 
ATOM   535 C  CB  . THR A 1 70 ? -0.942  -11.792 -4.322  1.00 45.72 ? 77  THR A CB  1 
ATOM   536 O  OG1 . THR A 1 70 ? -2.318  -11.411 -4.416  1.00 45.95 ? 77  THR A OG1 1 
ATOM   537 C  CG2 . THR A 1 70 ? -0.712  -12.593 -3.036  1.00 45.84 ? 77  THR A CG2 1 
ATOM   538 N  N   . GLN A 1 71 ? -0.947  -8.755  -5.670  1.00 44.92 ? 78  GLN A N   1 
ATOM   539 C  CA  . GLN A 1 71 ? -1.071  -7.849  -6.797  1.00 44.99 ? 78  GLN A CA  1 
ATOM   540 C  C   . GLN A 1 71 ? 0.218   -7.086  -7.062  1.00 45.16 ? 78  GLN A C   1 
ATOM   541 O  O   . GLN A 1 71 ? 0.429   -6.602  -8.163  1.00 45.16 ? 78  GLN A O   1 
ATOM   542 C  CB  . GLN A 1 71 ? -2.203  -6.869  -6.539  1.00 45.05 ? 78  GLN A CB  1 
ATOM   543 C  CG  . GLN A 1 71 ? -2.480  -5.922  -7.677  1.00 44.21 ? 78  GLN A CG  1 
ATOM   544 C  CD  . GLN A 1 71 ? -3.409  -4.840  -7.231  1.00 43.48 ? 78  GLN A CD  1 
ATOM   545 O  OE1 . GLN A 1 71 ? -4.539  -5.118  -6.850  1.00 44.73 ? 78  GLN A OE1 1 
ATOM   546 N  NE2 . GLN A 1 71 ? -2.931  -3.605  -7.230  1.00 42.35 ? 78  GLN A NE2 1 
ATOM   547 N  N   . LEU A 1 72 ? 1.067   -6.967  -6.046  1.00 45.61 ? 79  LEU A N   1 
ATOM   548 C  CA  . LEU A 1 72 ? 2.395   -6.375  -6.205  1.00 45.58 ? 79  LEU A CA  1 
ATOM   549 C  C   . LEU A 1 72 ? 3.384   -7.430  -6.658  1.00 45.26 ? 79  LEU A C   1 
ATOM   550 O  O   . LEU A 1 72 ? 4.320   -7.114  -7.390  1.00 45.72 ? 79  LEU A O   1 
ATOM   551 C  CB  . LEU A 1 72 ? 2.896   -5.720  -4.917  1.00 45.65 ? 79  LEU A CB  1 
ATOM   552 C  CG  . LEU A 1 72 ? 2.205   -4.447  -4.396  1.00 47.20 ? 79  LEU A CG  1 
ATOM   553 C  CD1 . LEU A 1 72 ? 2.659   -4.133  -2.959  1.00 47.05 ? 79  LEU A CD1 1 
ATOM   554 C  CD2 . LEU A 1 72 ? 2.395   -3.235  -5.313  1.00 47.47 ? 79  LEU A CD2 1 
ATOM   555 N  N   . GLU A 1 73 ? 3.186   -8.676  -6.233  1.00 44.84 ? 80  GLU A N   1 
ATOM   556 C  CA  . GLU A 1 73 ? 4.008   -9.786  -6.734  1.00 44.42 ? 80  GLU A CA  1 
ATOM   557 C  C   . GLU A 1 73 ? 3.819   -9.983  -8.233  1.00 43.76 ? 80  GLU A C   1 
ATOM   558 O  O   . GLU A 1 73 ? 4.794   -10.100 -8.965  1.00 43.68 ? 80  GLU A O   1 
ATOM   559 C  CB  . GLU A 1 73 ? 3.700   -11.088 -6.001  1.00 44.60 ? 80  GLU A CB  1 
ATOM   560 C  CG  . GLU A 1 73 ? 3.952   -11.033 -4.514  1.00 45.03 ? 80  GLU A CG  1 
ATOM   561 C  CD  . GLU A 1 73 ? 3.180   -12.101 -3.783  1.00 46.69 ? 80  GLU A CD  1 
ATOM   562 O  OE1 . GLU A 1 73 ? 2.945   -13.173 -4.401  1.00 47.03 ? 80  GLU A OE1 1 
ATOM   563 O  OE2 . GLU A 1 73 ? 2.818   -11.862 -2.604  1.00 46.86 ? 80  GLU A OE2 1 
ATOM   564 N  N   . ILE A 1 74 ? 2.562   -10.017 -8.666  1.00 43.17 ? 81  ILE A N   1 
ATOM   565 C  CA  . ILE A 1 74 ? 2.204   -9.999  -10.076 1.00 42.86 ? 81  ILE A CA  1 
ATOM   566 C  C   . ILE A 1 74 ? 2.905   -8.860  -10.809 1.00 43.02 ? 81  ILE A C   1 
ATOM   567 O  O   . ILE A 1 74 ? 3.583   -9.083  -11.806 1.00 43.07 ? 81  ILE A O   1 
ATOM   568 C  CB  . ILE A 1 74 ? 0.675   -9.866  -10.244 1.00 42.86 ? 81  ILE A CB  1 
ATOM   569 C  CG1 . ILE A 1 74 ? -0.021  -11.109 -9.684  1.00 42.45 ? 81  ILE A CG1 1 
ATOM   570 C  CG2 . ILE A 1 74 ? 0.305   -9.634  -11.706 1.00 42.33 ? 81  ILE A CG2 1 
ATOM   571 C  CD1 . ILE A 1 74 ? -1.431  -10.877 -9.199  1.00 41.37 ? 81  ILE A CD1 1 
ATOM   572 N  N   . ASN A 1 75 ? 2.747   -7.643  -10.295 1.00 43.48 ? 82  ASN A N   1 
ATOM   573 C  CA  . ASN A 1 75 ? 3.295   -6.430  -10.918 1.00 43.99 ? 82  ASN A CA  1 
ATOM   574 C  C   . ASN A 1 75 ? 4.821   -6.440  -11.014 1.00 44.27 ? 82  ASN A C   1 
ATOM   575 O  O   . ASN A 1 75 ? 5.407   -5.836  -11.919 1.00 44.24 ? 82  ASN A O   1 
ATOM   576 C  CB  . ASN A 1 75 ? 2.831   -5.172  -10.168 1.00 44.01 ? 82  ASN A CB  1 
ATOM   577 C  CG  . ASN A 1 75 ? 1.310   -5.089  -10.015 1.00 44.38 ? 82  ASN A CG  1 
ATOM   578 O  OD1 . ASN A 1 75 ? 0.799   -4.298  -9.203  1.00 45.63 ? 82  ASN A OD1 1 
ATOM   579 N  ND2 . ASN A 1 75 ? 0.583   -5.910  -10.776 1.00 42.24 ? 82  ASN A ND2 1 
ATOM   580 N  N   . GLY A 1 76 ? 5.444   -7.135  -10.066 1.00 44.64 ? 83  GLY A N   1 
ATOM   581 C  CA  . GLY A 1 76 ? 6.893   -7.271  -9.998  1.00 44.98 ? 83  GLY A CA  1 
ATOM   582 C  C   . GLY A 1 76 ? 7.419   -8.559  -10.594 1.00 45.45 ? 83  GLY A C   1 
ATOM   583 O  O   . GLY A 1 76 ? 8.554   -8.972  -10.326 1.00 45.61 ? 83  GLY A O   1 
ATOM   584 N  N   . ARG A 1 77 ? 6.574   -9.206  -11.390 1.00 45.78 ? 84  ARG A N   1 
ATOM   585 C  CA  . ARG A 1 77 ? 7.006   -10.300 -12.239 1.00 46.25 ? 84  ARG A CA  1 
ATOM   586 C  C   . ARG A 1 77 ? 7.028   -9.745  -13.664 1.00 46.03 ? 84  ARG A C   1 
ATOM   587 O  O   . ARG A 1 77 ? 7.738   -10.263 -14.532 1.00 46.14 ? 84  ARG A O   1 
ATOM   588 C  CB  . ARG A 1 77 ? 6.060   -11.501 -12.121 1.00 46.67 ? 84  ARG A CB  1 
ATOM   589 C  CG  . ARG A 1 77 ? 6.747   -12.877 -11.971 1.00 47.90 ? 84  ARG A CG  1 
ATOM   590 C  CD  . ARG A 1 77 ? 6.657   -13.422 -10.537 1.00 49.94 ? 84  ARG A CD  1 
ATOM   591 N  NE  . ARG A 1 77 ? 5.287   -13.368 -10.014 1.00 52.28 ? 84  ARG A NE  1 
ATOM   592 C  CZ  . ARG A 1 77 ? 4.943   -13.472 -8.730  1.00 52.83 ? 84  ARG A CZ  1 
ATOM   593 N  NH1 . ARG A 1 77 ? 5.864   -13.653 -7.789  1.00 53.70 ? 84  ARG A NH1 1 
ATOM   594 N  NH2 . ARG A 1 77 ? 3.663   -13.395 -8.383  1.00 52.59 ? 84  ARG A NH2 1 
ATOM   595 N  N   . ASN A 1 78 ? 6.267   -8.672  -13.880 1.00 45.69 ? 85  ASN A N   1 
ATOM   596 C  CA  . ASN A 1 78 ? 6.240   -7.973  -15.165 1.00 45.47 ? 85  ASN A CA  1 
ATOM   597 C  C   . ASN A 1 78 ? 7.463   -7.061  -15.350 1.00 45.32 ? 85  ASN A C   1 
ATOM   598 O  O   . ASN A 1 78 ? 7.437   -5.871  -15.026 1.00 45.39 ? 85  ASN A O   1 
ATOM   599 C  CB  . ASN A 1 78 ? 4.905   -7.232  -15.336 1.00 45.50 ? 85  ASN A CB  1 
ATOM   600 C  CG  . ASN A 1 78 ? 3.698   -8.176  -15.321 1.00 44.96 ? 85  ASN A CG  1 
ATOM   601 O  OD1 . ASN A 1 78 ? 3.729   -9.239  -14.699 1.00 44.28 ? 85  ASN A OD1 1 
ATOM   602 N  ND2 . ASN A 1 78 ? 2.627   -7.784  -16.009 1.00 43.90 ? 85  ASN A ND2 1 
ATOM   603 N  N   . ASN A 1 79 ? 8.534   -7.656  -15.873 1.00 45.12 ? 86  ASN A N   1 
ATOM   604 C  CA  . ASN A 1 79 ? 9.868   -7.052  -15.954 1.00 44.93 ? 86  ASN A CA  1 
ATOM   605 C  C   . ASN A 1 79 ? 9.932   -5.526  -16.008 1.00 44.81 ? 86  ASN A C   1 
ATOM   606 O  O   . ASN A 1 79 ? 9.484   -4.906  -16.972 1.00 44.82 ? 86  ASN A O   1 
ATOM   607 C  CB  . ASN A 1 79 ? 10.674  -7.672  -17.107 1.00 44.95 ? 86  ASN A CB  1 
ATOM   608 C  CG  . ASN A 1 79 ? 9.941   -7.631  -18.445 1.00 44.95 ? 86  ASN A CG  1 
ATOM   609 O  OD1 . ASN A 1 79 ? 8.712   -7.705  -18.511 1.00 44.93 ? 86  ASN A OD1 1 
ATOM   610 N  ND2 . ASN A 1 79 ? 10.707  -7.532  -19.525 1.00 44.46 ? 86  ASN A ND2 1 
HETATM 611 ZN ZN  . ZN  B 2 .  ? -11.125 2.260   0.419   1.00 53.83 ? 101 ZN  A ZN  1 
HETATM 612 ZN ZN  . ZN  C 2 .  ? 8.052   -0.736  6.226   1.00 54.25 ? 102 ZN  A ZN  1 
HETATM 613 O  O   . HOH D 3 .  ? 3.586   0.925   9.859   1.00 40.83 ? 1   HOH A O   1 
HETATM 614 O  O   . HOH D 3 .  ? -12.041 -11.508 -1.565  1.00 55.42 ? 2   HOH A O   1 
HETATM 615 O  O   . HOH D 3 .  ? -7.925  -10.541 1.577   1.00 59.05 ? 3   HOH A O   1 
HETATM 616 O  O   . HOH D 3 .  ? 11.080  -6.450  -11.137 1.00 52.02 ? 4   HOH A O   1 
HETATM 617 O  O   . HOH D 3 .  ? 6.526   -10.321 -18.691 1.00 49.93 ? 5   HOH A O   1 
HETATM 618 O  O   . HOH D 3 .  ? -6.220  13.248  0.204   1.00 56.64 ? 6   HOH A O   1 
# 
